data_5YB1
#
_entry.id   5YB1
#
_cell.length_a   38.492
_cell.length_b   95.653
_cell.length_c   96.642
_cell.angle_alpha   104.67
_cell.angle_beta   101.43
_cell.angle_gamma   89.97
#
_symmetry.space_group_name_H-M   'P 1'
#
loop_
_entity.id
_entity.type
_entity.pdbx_description
1 polymer 'Serum albumin'
2 non-polymer 'PALMITIC ACID'
3 non-polymer ~{N},~{N},12-trimethyl-3$l^{3}-thia-1$l^{4},5,6$l^{4}-triaza-2$l^{3}-cupratricyclo[6.4.0.0^{2,6}]dodeca-1(8),3,6,9,11-pentaen-4-amine
4 water water
#
_entity_poly.entity_id   1
_entity_poly.type   'polypeptide(L)'
_entity_poly.pdbx_seq_one_letter_code
;HKSEVAHRFKDLGEENFKALVLIAFAQYLQQCPFEDHVKLVNEVTEFAKTCVADESAENCDKSLHTLFGDKLCTVATLRE
TYGEMADCCAKQEPERNECFLQHKDDNPNLPRLVRPEVDVMCTAFHDNEETFLKKYLYEIARRHPYFYAPELLFFAKRYK
AAFTECCQAADKAACLLPKLDELRDEGKASSAKQRLKCASLQKFGERAFKAWAVARLSQRFPKAEFAEVSKLVTDLTKVH
TECCHGDLLECADDRADLAKYICENQDSISSKLKECCEKPLLEKSHCIAEVENDEMPADLPSLAADFVESKDVCKNYAEA
KDVFLGMFLYEYARRHPDYSVVLLLRLAKTYETTLEKCCAAADPHECYAKVFDEFKPLVEEPQNLIKQNCELFEQLGEYK
FQNALLVRYTKKVPQVSTPTLVEVSRNLGKVGSKCCKHPEAKRMPCAEDYLSVVLNQLCVLHEKTPVSDRVTKCCTESLV
NRRPCFSALEVDETYVPKEFNAETFTFHADICTLSEKERQIKKQTALVELVKHKPKATKEQLKAVMDDFAAFVEKCCKAD
DKETCFAEEGKKLVAASQAAL
;
_entity_poly.pdbx_strand_id   A,B
#
loop_
_chem_comp.id
_chem_comp.type
_chem_comp.name
_chem_comp.formula
8ZR non-polymer ~{N},~{N},12-trimethyl-3$l^{3}-thia-1$l^{4},5,6$l^{4}-triaza-2$l^{3}-cupratricyclo[6.4.0.0^{2,6}]dodeca-1(8),3,6,9,11-pentaen-4-amine 'C10 H14 Cu N4 S'
PLM non-polymer 'PALMITIC ACID' 'C16 H32 O2'
#
# COMPACT_ATOMS: atom_id res chain seq x y z
N HIS A 1 4.07 -16.42 11.73
CA HIS A 1 4.28 -17.18 12.95
C HIS A 1 3.30 -16.79 14.05
N LYS A 2 2.96 -17.78 14.89
CA LYS A 2 2.03 -17.53 15.99
C LYS A 2 2.62 -16.56 17.00
N SER A 3 3.92 -16.66 17.27
CA SER A 3 4.63 -15.80 18.22
C SER A 3 5.74 -15.05 17.51
N GLU A 4 5.60 -13.73 17.34
CA GLU A 4 6.71 -12.98 16.76
C GLU A 4 7.89 -12.91 17.74
N VAL A 5 7.61 -12.78 19.04
CA VAL A 5 8.68 -12.77 20.03
C VAL A 5 9.50 -14.05 19.92
N ALA A 6 8.83 -15.19 19.92
CA ALA A 6 9.54 -16.46 19.89
C ALA A 6 10.33 -16.63 18.60
N HIS A 7 9.72 -16.26 17.46
CA HIS A 7 10.42 -16.42 16.19
C HIS A 7 11.66 -15.53 16.12
N ARG A 8 11.55 -14.28 16.56
CA ARG A 8 12.71 -13.39 16.59
C ARG A 8 13.76 -13.88 17.56
N PHE A 9 13.33 -14.44 18.69
CA PHE A 9 14.28 -14.94 19.67
C PHE A 9 15.03 -16.14 19.14
N LYS A 10 14.32 -17.08 18.49
CA LYS A 10 15.00 -18.23 17.90
C LYS A 10 15.94 -17.78 16.78
N ASP A 11 15.49 -16.84 15.94
CA ASP A 11 16.31 -16.50 14.78
C ASP A 11 17.53 -15.67 15.16
N LEU A 12 17.43 -14.83 16.19
CA LEU A 12 18.51 -13.94 16.57
C LEU A 12 19.46 -14.56 17.58
N GLY A 13 18.94 -15.40 18.48
CA GLY A 13 19.71 -15.86 19.62
C GLY A 13 19.56 -14.95 20.82
N GLU A 14 19.83 -15.52 22.00
CA GLU A 14 19.62 -14.78 23.23
C GLU A 14 20.45 -13.50 23.26
N GLU A 15 21.72 -13.57 22.85
CA GLU A 15 22.64 -12.44 23.00
C GLU A 15 22.25 -11.28 22.09
N ASN A 16 22.15 -11.56 20.79
CA ASN A 16 21.70 -10.52 19.86
C ASN A 16 20.36 -9.95 20.27
N PHE A 17 19.45 -10.82 20.74
CA PHE A 17 18.13 -10.38 21.15
C PHE A 17 18.21 -9.37 22.28
N LYS A 18 18.96 -9.71 23.34
CA LYS A 18 19.10 -8.81 24.48
C LYS A 18 19.71 -7.48 24.05
N ALA A 19 20.73 -7.54 23.21
CA ALA A 19 21.39 -6.30 22.80
C ALA A 19 20.42 -5.42 22.01
N LEU A 20 19.62 -6.03 21.14
CA LEU A 20 18.69 -5.26 20.33
C LEU A 20 17.55 -4.69 21.17
N VAL A 21 17.02 -5.47 22.12
CA VAL A 21 16.00 -4.93 23.01
C VAL A 21 16.56 -3.74 23.77
N LEU A 22 17.81 -3.84 24.21
CA LEU A 22 18.43 -2.72 24.93
C LEU A 22 18.54 -1.50 24.03
N ILE A 23 19.03 -1.67 22.80
CA ILE A 23 19.14 -0.53 21.89
C ILE A 23 17.78 0.12 21.67
N ALA A 24 16.75 -0.70 21.46
CA ALA A 24 15.41 -0.17 21.21
C ALA A 24 14.92 0.69 22.37
N PHE A 25 14.89 0.11 23.57
CA PHE A 25 14.45 0.88 24.71
C PHE A 25 15.33 2.11 24.92
N ALA A 26 16.64 1.96 24.72
CA ALA A 26 17.54 3.10 24.88
C ALA A 26 17.19 4.22 23.92
N GLN A 27 16.67 3.87 22.75
CA GLN A 27 16.32 4.88 21.76
C GLN A 27 14.96 5.53 22.03
N TYR A 28 14.05 4.83 22.72
CA TYR A 28 12.78 5.47 23.04
C TYR A 28 12.78 6.14 24.42
N LEU A 29 13.36 5.51 25.42
CA LEU A 29 13.45 6.08 26.76
C LEU A 29 14.84 6.64 26.97
N GLN A 30 15.13 7.70 26.23
CA GLN A 30 16.48 8.25 26.20
C GLN A 30 16.91 8.88 27.50
N GLN A 31 16.02 9.04 28.48
CA GLN A 31 16.39 9.71 29.73
C GLN A 31 16.23 8.79 30.94
N CYS A 32 16.01 7.51 30.73
CA CYS A 32 15.97 6.71 31.95
C CYS A 32 17.34 6.14 32.26
N PRO A 33 17.63 5.85 33.52
CA PRO A 33 18.95 5.32 33.88
C PRO A 33 19.15 3.90 33.36
N PHE A 34 20.41 3.57 33.11
CA PHE A 34 20.76 2.30 32.50
C PHE A 34 20.11 1.11 33.22
N GLU A 35 20.12 1.11 34.55
CA GLU A 35 19.61 -0.04 35.28
C GLU A 35 18.14 -0.29 35.00
N ASP A 36 17.40 0.77 34.65
CA ASP A 36 16.01 0.59 34.25
C ASP A 36 15.93 -0.20 32.96
N HIS A 37 16.69 0.19 31.95
CA HIS A 37 16.71 -0.54 30.70
C HIS A 37 17.15 -1.98 30.92
N VAL A 38 18.13 -2.20 31.79
CA VAL A 38 18.52 -3.58 32.08
C VAL A 38 17.32 -4.36 32.59
N LYS A 39 16.54 -3.78 33.50
CA LYS A 39 15.39 -4.51 34.02
C LYS A 39 14.34 -4.77 32.94
N LEU A 40 14.06 -3.77 32.10
CA LEU A 40 13.14 -3.99 30.99
C LEU A 40 13.63 -5.13 30.11
N VAL A 41 14.90 -5.09 29.71
CA VAL A 41 15.45 -6.14 28.87
C VAL A 41 15.24 -7.50 29.52
N ASN A 42 15.70 -7.67 30.77
CA ASN A 42 15.58 -8.99 31.39
C ASN A 42 14.13 -9.44 31.41
N GLU A 43 13.19 -8.53 31.69
CA GLU A 43 11.79 -8.91 31.71
C GLU A 43 11.31 -9.39 30.35
N VAL A 44 11.60 -8.61 29.31
CA VAL A 44 11.21 -8.97 27.96
C VAL A 44 11.83 -10.29 27.55
N THR A 45 13.12 -10.47 27.85
CA THR A 45 13.83 -11.70 27.52
C THR A 45 13.17 -12.90 28.18
N GLU A 46 12.88 -12.77 29.47
CA GLU A 46 12.20 -13.84 30.18
C GLU A 46 10.87 -14.16 29.50
N PHE A 47 10.10 -13.13 29.18
CA PHE A 47 8.87 -13.38 28.45
C PHE A 47 9.14 -14.14 27.16
N ALA A 48 10.14 -13.70 26.40
CA ALA A 48 10.48 -14.35 25.14
C ALA A 48 10.73 -15.84 25.34
N LYS A 49 11.53 -16.20 26.35
CA LYS A 49 11.81 -17.62 26.59
C LYS A 49 10.52 -18.36 26.91
N THR A 50 9.63 -17.72 27.66
CA THR A 50 8.32 -18.31 27.90
C THR A 50 7.64 -18.64 26.59
N CYS A 51 7.72 -17.73 25.61
CA CYS A 51 7.07 -17.97 24.33
C CYS A 51 7.81 -19.00 23.48
N VAL A 52 9.14 -19.09 23.62
CA VAL A 52 9.91 -20.10 22.91
C VAL A 52 9.54 -21.49 23.40
N ALA A 53 9.23 -21.65 24.69
CA ALA A 53 8.84 -22.97 25.18
C ALA A 53 7.41 -23.34 24.77
N ASP A 54 6.56 -22.34 24.53
CA ASP A 54 5.19 -22.60 24.13
C ASP A 54 4.61 -21.34 23.49
N GLU A 55 4.45 -21.33 22.16
CA GLU A 55 3.92 -20.15 21.48
C GLU A 55 2.46 -19.85 21.82
N SER A 56 1.79 -20.74 22.55
CA SER A 56 0.41 -20.52 22.94
C SER A 56 0.25 -19.90 24.33
N ALA A 57 1.32 -19.77 25.11
CA ALA A 57 1.19 -19.14 26.41
C ALA A 57 0.64 -17.73 26.25
N GLU A 58 -0.03 -17.24 27.30
CA GLU A 58 -0.71 -15.95 27.21
C GLU A 58 0.25 -14.86 26.75
N ASN A 59 -0.27 -13.98 25.88
CA ASN A 59 0.37 -12.78 25.37
C ASN A 59 1.38 -13.10 24.26
N CYS A 60 1.75 -14.37 24.05
CA CYS A 60 2.73 -14.70 23.03
C CYS A 60 2.20 -14.44 21.64
N ASP A 61 0.89 -14.48 21.46
CA ASP A 61 0.27 -14.18 20.17
C ASP A 61 0.29 -12.70 19.83
N LYS A 62 0.61 -11.83 20.79
CA LYS A 62 0.61 -10.41 20.51
C LYS A 62 1.72 -10.05 19.54
N SER A 63 1.53 -8.94 18.83
CA SER A 63 2.54 -8.48 17.89
C SER A 63 3.70 -7.82 18.64
N LEU A 64 4.80 -7.62 17.91
CA LEU A 64 5.95 -6.98 18.52
C LEU A 64 5.63 -5.55 18.94
N HIS A 65 4.96 -4.80 18.08
CA HIS A 65 4.66 -3.40 18.40
C HIS A 65 3.76 -3.30 19.63
N THR A 66 2.83 -4.23 19.80
CA THR A 66 1.97 -4.19 20.97
C THR A 66 2.78 -4.45 22.25
N LEU A 67 3.60 -5.49 22.24
CA LEU A 67 4.40 -5.80 23.42
C LEU A 67 5.35 -4.63 23.76
N PHE A 68 6.02 -4.09 22.74
CA PHE A 68 6.92 -2.98 22.99
C PHE A 68 6.18 -1.79 23.59
N GLY A 69 5.06 -1.39 22.97
CA GLY A 69 4.30 -0.29 23.51
C GLY A 69 3.80 -0.53 24.92
N ASP A 70 3.39 -1.77 25.21
CA ASP A 70 2.97 -2.11 26.58
C ASP A 70 4.11 -1.90 27.57
N LYS A 71 5.32 -2.35 27.22
CA LYS A 71 6.41 -2.15 28.17
C LYS A 71 6.72 -0.67 28.32
N LEU A 72 6.70 0.09 27.22
CA LEU A 72 6.90 1.52 27.33
C LEU A 72 5.88 2.13 28.29
N CYS A 73 4.61 1.78 28.14
CA CYS A 73 3.59 2.36 29.00
C CYS A 73 3.59 1.75 30.40
N THR A 74 4.50 0.83 30.68
CA THR A 74 4.66 0.36 32.06
C THR A 74 5.56 1.25 32.89
N VAL A 75 6.40 2.07 32.25
CA VAL A 75 7.26 2.99 32.99
C VAL A 75 6.38 3.95 33.79
N ALA A 76 6.48 3.87 35.12
CA ALA A 76 5.62 4.66 35.98
C ALA A 76 5.94 6.15 35.93
N THR A 77 7.21 6.50 35.71
CA THR A 77 7.61 7.89 35.63
C THR A 77 7.48 8.46 34.23
N LEU A 78 6.70 7.81 33.37
CA LEU A 78 6.67 8.17 31.95
C LEU A 78 6.25 9.63 31.75
N ARG A 79 5.18 10.06 32.42
CA ARG A 79 4.69 11.42 32.25
C ARG A 79 5.64 12.44 32.89
N GLU A 80 6.18 12.12 34.07
CA GLU A 80 7.09 13.05 34.74
C GLU A 80 8.33 13.31 33.91
N THR A 81 8.85 12.28 33.24
CA THR A 81 10.13 12.42 32.56
C THR A 81 9.98 12.81 31.09
N TYR A 82 8.89 12.43 30.43
CA TYR A 82 8.75 12.65 29.00
C TYR A 82 7.52 13.45 28.59
N GLY A 83 6.59 13.70 29.51
CA GLY A 83 5.46 14.55 29.19
C GLY A 83 4.57 14.02 28.09
N GLU A 84 4.57 14.69 26.92
CA GLU A 84 3.66 14.33 25.84
C GLU A 84 3.69 12.84 25.54
N MET A 85 4.90 12.26 25.52
CA MET A 85 5.06 10.86 25.14
C MET A 85 4.12 9.97 25.92
N ALA A 86 3.87 10.29 27.19
CA ALA A 86 2.94 9.50 27.99
C ALA A 86 1.53 9.53 27.42
N ASP A 87 1.19 10.56 26.64
CA ASP A 87 -0.13 10.61 26.01
C ASP A 87 -0.30 9.54 24.93
N CYS A 88 0.79 9.13 24.28
CA CYS A 88 0.70 8.06 23.29
C CYS A 88 0.04 6.83 23.86
N CYS A 89 0.14 6.63 25.17
CA CYS A 89 -0.39 5.43 25.80
C CYS A 89 -1.90 5.37 25.81
N ALA A 90 -2.58 6.48 25.50
CA ALA A 90 -4.03 6.45 25.44
C ALA A 90 -4.55 5.98 24.09
N LYS A 91 -3.69 5.87 23.07
CA LYS A 91 -4.10 5.43 21.75
C LYS A 91 -3.97 3.92 21.59
N GLN A 92 -4.69 3.38 20.60
CA GLN A 92 -4.59 1.97 20.25
C GLN A 92 -3.42 1.78 19.28
N GLU A 93 -3.01 0.52 19.13
CA GLU A 93 -1.63 0.24 18.71
C GLU A 93 -1.21 0.93 17.42
N PRO A 94 -1.99 0.88 16.33
CA PRO A 94 -1.48 1.51 15.09
C PRO A 94 -1.07 2.96 15.30
N GLU A 95 -1.87 3.71 16.06
CA GLU A 95 -1.52 5.10 16.35
C GLU A 95 -0.50 5.21 17.48
N ARG A 96 -0.51 4.27 18.42
CA ARG A 96 0.42 4.37 19.54
C ARG A 96 1.86 4.27 19.06
N ASN A 97 2.16 3.26 18.22
CA ASN A 97 3.54 3.11 17.77
C ASN A 97 4.00 4.35 17.02
N GLU A 98 3.15 4.87 16.12
CA GLU A 98 3.51 6.06 15.36
C GLU A 98 3.75 7.25 16.27
N CYS A 99 2.89 7.42 17.28
CA CYS A 99 3.08 8.52 18.24
C CYS A 99 4.43 8.40 18.95
N PHE A 100 4.74 7.20 19.46
CA PHE A 100 6.06 7.00 20.05
C PHE A 100 7.16 7.37 19.07
N LEU A 101 7.02 6.93 17.81
CA LEU A 101 8.01 7.29 16.80
C LEU A 101 8.22 8.78 16.72
N GLN A 102 7.12 9.55 16.63
CA GLN A 102 7.25 10.99 16.47
C GLN A 102 7.95 11.62 17.66
N HIS A 103 7.71 11.10 18.87
CA HIS A 103 8.23 11.76 20.05
C HIS A 103 9.69 11.40 20.36
N LYS A 104 10.37 10.70 19.46
CA LYS A 104 11.81 10.53 19.61
C LYS A 104 12.51 11.87 19.46
N ASP A 105 13.44 12.14 20.39
CA ASP A 105 14.20 13.39 20.43
C ASP A 105 15.50 13.17 19.67
N ASP A 106 15.60 13.72 18.46
CA ASP A 106 16.81 13.56 17.66
C ASP A 106 18.01 14.27 18.26
N ASN A 107 17.79 15.31 19.07
CA ASN A 107 18.87 16.08 19.70
C ASN A 107 18.58 16.18 21.19
N PRO A 108 18.83 15.13 21.96
CA PRO A 108 18.69 15.26 23.41
C PRO A 108 19.86 16.03 24.00
N ASN A 109 19.59 16.68 25.13
CA ASN A 109 20.62 17.42 25.85
C ASN A 109 21.30 16.46 26.81
N LEU A 110 22.33 15.78 26.33
CA LEU A 110 23.10 14.91 27.19
C LEU A 110 24.55 15.34 27.16
N PRO A 111 25.25 15.30 28.30
CA PRO A 111 26.66 15.69 28.31
C PRO A 111 27.47 14.86 27.33
N ARG A 112 28.47 15.48 26.71
CA ARG A 112 29.32 14.80 25.76
C ARG A 112 30.01 13.60 26.42
N LEU A 113 29.97 12.46 25.73
CA LEU A 113 30.58 11.23 26.27
C LEU A 113 32.09 11.36 26.38
N VAL A 114 32.59 11.25 27.60
CA VAL A 114 34.03 11.34 27.84
C VAL A 114 34.64 9.96 27.63
N ARG A 115 35.66 9.88 26.79
CA ARG A 115 36.47 8.69 26.64
C ARG A 115 37.40 8.59 27.83
N PRO A 116 37.18 7.65 28.76
CA PRO A 116 38.06 7.53 29.93
C PRO A 116 39.49 7.16 29.55
N GLU A 117 40.35 7.03 30.56
CA GLU A 117 41.73 6.61 30.33
C GLU A 117 41.79 5.15 29.95
N VAL A 118 42.83 4.80 29.18
CA VAL A 118 42.96 3.43 28.68
C VAL A 118 42.99 2.43 29.83
N ASP A 119 43.67 2.77 30.91
CA ASP A 119 43.75 1.85 32.05
C ASP A 119 42.41 1.68 32.72
N VAL A 120 41.63 2.77 32.80
CA VAL A 120 40.28 2.68 33.36
C VAL A 120 39.39 1.81 32.49
N MET A 121 39.43 2.03 31.17
CA MET A 121 38.59 1.22 30.29
C MET A 121 38.96 -0.25 30.36
N CYS A 122 40.25 -0.56 30.26
CA CYS A 122 40.65 -1.96 30.31
C CYS A 122 40.31 -2.59 31.66
N THR A 123 40.45 -1.84 32.74
CA THR A 123 40.14 -2.40 34.05
C THR A 123 38.65 -2.71 34.16
N ALA A 124 37.79 -1.76 33.78
CA ALA A 124 36.36 -2.01 33.84
C ALA A 124 35.97 -3.17 32.92
N PHE A 125 36.51 -3.16 31.70
CA PHE A 125 36.22 -4.22 30.72
C PHE A 125 36.61 -5.58 31.26
N HIS A 126 37.74 -5.69 31.95
CA HIS A 126 38.16 -6.98 32.48
C HIS A 126 37.32 -7.39 33.68
N ASP A 127 37.05 -6.45 34.59
CA ASP A 127 36.35 -6.76 35.84
C ASP A 127 34.86 -6.96 35.64
N ASN A 128 34.29 -6.41 34.57
CA ASN A 128 32.86 -6.56 34.32
C ASN A 128 32.56 -6.32 32.85
N GLU A 129 32.78 -7.33 32.01
CA GLU A 129 32.78 -7.13 30.57
C GLU A 129 31.40 -6.69 30.07
N GLU A 130 30.35 -7.39 30.48
CA GLU A 130 29.05 -7.13 29.87
C GLU A 130 28.45 -5.81 30.35
N THR A 131 28.60 -5.46 31.64
CA THR A 131 28.09 -4.16 32.05
C THR A 131 28.90 -3.03 31.43
N PHE A 132 30.22 -3.24 31.28
CA PHE A 132 31.04 -2.22 30.63
C PHE A 132 30.61 -2.02 29.18
N LEU A 133 30.42 -3.11 28.44
CA LEU A 133 30.06 -2.96 27.03
C LEU A 133 28.61 -2.50 26.86
N LYS A 134 27.69 -3.06 27.64
CA LYS A 134 26.27 -2.72 27.52
C LYS A 134 25.99 -1.29 27.93
N LYS A 135 26.62 -0.82 29.02
CA LYS A 135 26.41 0.57 29.41
C LYS A 135 26.81 1.52 28.30
N TYR A 136 27.97 1.27 27.66
CA TYR A 136 28.39 2.13 26.56
C TYR A 136 27.47 1.98 25.36
N LEU A 137 26.99 0.76 25.10
CA LEU A 137 26.04 0.57 24.02
C LEU A 137 24.77 1.38 24.26
N TYR A 138 24.35 1.48 25.51
CA TYR A 138 23.21 2.32 25.87
C TYR A 138 23.53 3.81 25.73
N GLU A 139 24.71 4.24 26.21
CA GLU A 139 25.10 5.63 26.08
C GLU A 139 25.14 6.05 24.63
N ILE A 140 25.53 5.14 23.73
CA ILE A 140 25.54 5.47 22.32
C ILE A 140 24.13 5.45 21.75
N ALA A 141 23.36 4.42 22.10
CA ALA A 141 22.01 4.26 21.54
C ALA A 141 21.11 5.44 21.90
N ARG A 142 21.16 5.88 23.17
CA ARG A 142 20.29 6.97 23.61
C ARG A 142 20.63 8.28 22.92
N ARG A 143 21.84 8.42 22.38
CA ARG A 143 22.24 9.62 21.67
C ARG A 143 22.02 9.50 20.17
N HIS A 144 21.44 8.40 19.70
CA HIS A 144 21.13 8.20 18.28
C HIS A 144 19.83 7.43 18.15
N PRO A 145 18.73 8.03 18.61
CA PRO A 145 17.44 7.31 18.57
C PRO A 145 17.02 6.88 17.17
N TYR A 146 17.58 7.48 16.11
CA TYR A 146 17.24 7.13 14.74
C TYR A 146 18.34 6.33 14.04
N PHE A 147 19.39 5.95 14.76
CA PHE A 147 20.43 5.12 14.17
C PHE A 147 19.94 3.68 14.12
N TYR A 148 20.11 3.05 12.97
CA TYR A 148 19.58 1.70 12.76
C TYR A 148 20.21 0.71 13.74
N ALA A 149 19.37 0.04 14.52
CA ALA A 149 19.82 -0.80 15.65
C ALA A 149 20.86 -1.84 15.25
N PRO A 150 20.56 -2.70 14.27
CA PRO A 150 21.52 -3.78 13.94
C PRO A 150 22.90 -3.26 13.59
N GLU A 151 22.99 -2.12 12.90
CA GLU A 151 24.31 -1.60 12.56
C GLU A 151 25.03 -1.12 13.81
N LEU A 152 24.29 -0.57 14.77
CA LEU A 152 24.86 -0.22 16.06
C LEU A 152 25.42 -1.45 16.75
N LEU A 153 24.72 -2.58 16.62
CA LEU A 153 25.23 -3.84 17.18
C LEU A 153 26.50 -4.28 16.46
N PHE A 154 26.52 -4.12 15.14
CA PHE A 154 27.73 -4.43 14.38
C PHE A 154 28.91 -3.60 14.85
N PHE A 155 28.69 -2.33 15.18
CA PHE A 155 29.75 -1.53 15.77
C PHE A 155 30.16 -2.06 17.13
N ALA A 156 29.18 -2.37 17.98
CA ALA A 156 29.47 -2.84 19.34
C ALA A 156 30.41 -4.04 19.32
N LYS A 157 30.15 -5.02 18.45
CA LYS A 157 31.01 -6.19 18.40
C LYS A 157 32.45 -5.83 18.03
N ARG A 158 32.63 -4.83 17.15
CA ARG A 158 33.97 -4.37 16.81
C ARG A 158 34.64 -3.69 18.00
N TYR A 159 33.86 -2.97 18.82
CA TYR A 159 34.42 -2.45 20.05
C TYR A 159 34.89 -3.57 20.96
N LYS A 160 34.04 -4.60 21.12
CA LYS A 160 34.41 -5.76 21.92
C LYS A 160 35.72 -6.38 21.43
N ALA A 161 35.89 -6.47 20.11
CA ALA A 161 37.13 -7.03 19.60
C ALA A 161 38.31 -6.10 19.91
N ALA A 162 38.08 -4.79 19.80
CA ALA A 162 39.17 -3.86 20.10
C ALA A 162 39.65 -4.03 21.53
N PHE A 163 38.73 -4.14 22.49
CA PHE A 163 39.18 -4.28 23.87
C PHE A 163 39.80 -5.65 24.12
N THR A 164 39.16 -6.72 23.63
CA THR A 164 39.72 -8.05 23.87
C THR A 164 41.16 -8.12 23.38
N GLU A 165 41.46 -7.46 22.26
CA GLU A 165 42.82 -7.51 21.74
C GLU A 165 43.75 -6.55 22.50
N CYS A 166 43.36 -5.28 22.59
CA CYS A 166 44.31 -4.28 23.06
C CYS A 166 44.55 -4.37 24.56
N CYS A 167 43.56 -4.77 25.35
CA CYS A 167 43.78 -4.78 26.80
C CYS A 167 44.72 -5.89 27.26
N GLN A 168 45.22 -6.72 26.35
CA GLN A 168 46.28 -7.67 26.65
C GLN A 168 47.66 -7.21 26.16
N ALA A 169 47.71 -6.15 25.36
CA ALA A 169 48.96 -5.66 24.79
C ALA A 169 49.78 -4.90 25.84
N ALA A 170 51.09 -4.83 25.60
CA ALA A 170 51.97 -4.10 26.50
C ALA A 170 51.69 -2.60 26.42
N ASP A 171 51.69 -2.06 25.21
CA ASP A 171 51.33 -0.66 24.98
C ASP A 171 49.84 -0.63 24.60
N LYS A 172 49.00 -0.74 25.63
CA LYS A 172 47.56 -0.77 25.38
C LYS A 172 47.12 0.42 24.56
N ALA A 173 47.45 1.64 25.02
CA ALA A 173 46.96 2.86 24.37
C ALA A 173 47.33 2.90 22.89
N ALA A 174 48.57 2.54 22.56
CA ALA A 174 49.01 2.56 21.17
C ALA A 174 48.18 1.59 20.31
N CYS A 175 47.64 0.55 20.93
CA CYS A 175 46.77 -0.38 20.23
C CYS A 175 45.35 0.17 20.14
N LEU A 176 44.79 0.58 21.27
CA LEU A 176 43.37 0.89 21.36
C LEU A 176 43.04 2.24 20.74
N LEU A 177 43.70 3.30 21.17
CA LEU A 177 43.33 4.64 20.74
C LEU A 177 43.14 4.76 19.24
N PRO A 178 44.03 4.25 18.38
CA PRO A 178 43.76 4.31 16.94
C PRO A 178 42.49 3.56 16.53
N LYS A 179 42.19 2.44 17.20
CA LYS A 179 40.98 1.69 16.88
C LYS A 179 39.73 2.44 17.33
N LEU A 180 39.75 2.98 18.55
CA LEU A 180 38.63 3.80 18.99
C LEU A 180 38.41 4.98 18.07
N ASP A 181 39.50 5.58 17.58
CA ASP A 181 39.38 6.69 16.63
C ASP A 181 38.75 6.21 15.32
N GLU A 182 39.18 5.07 14.80
CA GLU A 182 38.56 4.58 13.57
C GLU A 182 37.07 4.35 13.78
N LEU A 183 36.70 3.68 14.87
CA LEU A 183 35.29 3.39 15.12
C LEU A 183 34.48 4.68 15.25
N ARG A 184 34.99 5.66 15.99
CA ARG A 184 34.31 6.94 16.09
C ARG A 184 34.08 7.55 14.72
N ASP A 185 35.12 7.53 13.88
CA ASP A 185 35.02 8.13 12.55
C ASP A 185 33.95 7.45 11.72
N GLU A 186 34.01 6.11 11.61
CA GLU A 186 33.00 5.41 10.84
C GLU A 186 31.61 5.59 11.44
N GLY A 187 31.54 5.75 12.75
CA GLY A 187 30.24 5.94 13.38
C GLY A 187 29.59 7.24 12.98
N LYS A 188 30.32 8.37 13.11
CA LYS A 188 29.72 9.64 12.70
C LYS A 188 29.52 9.70 11.19
N ALA A 189 30.45 9.12 10.42
CA ALA A 189 30.28 9.09 8.97
C ALA A 189 28.97 8.40 8.60
N SER A 190 28.79 7.16 9.05
CA SER A 190 27.56 6.43 8.77
C SER A 190 26.33 7.18 9.27
N SER A 191 26.36 7.59 10.54
CA SER A 191 25.21 8.27 11.12
C SER A 191 24.86 9.54 10.36
N ALA A 192 25.81 10.15 9.66
CA ALA A 192 25.48 11.29 8.83
C ALA A 192 25.04 10.88 7.42
N LYS A 193 25.61 9.79 6.87
CA LYS A 193 25.12 9.28 5.60
C LYS A 193 23.63 8.99 5.66
N GLN A 194 23.17 8.37 6.75
CA GLN A 194 21.75 8.06 6.91
C GLN A 194 20.89 9.32 6.79
N ARG A 195 21.16 10.32 7.64
CA ARG A 195 20.40 11.57 7.63
C ARG A 195 20.44 12.22 6.26
N LEU A 196 21.62 12.21 5.63
CA LEU A 196 21.76 12.81 4.31
C LEU A 196 20.86 12.14 3.29
N LYS A 197 20.94 10.81 3.20
CA LYS A 197 20.21 10.09 2.17
C LYS A 197 18.71 10.24 2.38
N CYS A 198 18.25 10.32 3.64
CA CYS A 198 16.83 10.54 3.83
C CYS A 198 16.40 11.96 3.45
N ALA A 199 17.23 12.96 3.78
CA ALA A 199 16.90 14.32 3.38
C ALA A 199 16.87 14.46 1.86
N SER A 200 17.67 13.66 1.15
CA SER A 200 17.60 13.66 -0.31
C SER A 200 16.34 12.96 -0.80
N LEU A 201 15.98 11.84 -0.17
CA LEU A 201 14.75 11.18 -0.57
C LEU A 201 13.55 12.11 -0.41
N GLN A 202 13.58 12.99 0.60
CA GLN A 202 12.45 13.89 0.79
C GLN A 202 12.56 15.12 -0.11
N LYS A 203 13.77 15.64 -0.32
CA LYS A 203 13.90 16.89 -1.05
C LYS A 203 13.72 16.68 -2.56
N PHE A 204 14.30 15.63 -3.13
CA PHE A 204 14.35 15.45 -4.57
C PHE A 204 13.49 14.30 -5.07
N GLY A 205 12.84 13.56 -4.19
CA GLY A 205 11.86 12.58 -4.62
C GLY A 205 12.48 11.25 -5.05
N GLU A 206 11.59 10.28 -5.26
CA GLU A 206 12.03 8.90 -5.50
C GLU A 206 12.87 8.76 -6.75
N ARG A 207 12.57 9.54 -7.79
CA ARG A 207 13.19 9.36 -9.10
C ARG A 207 14.71 9.48 -9.01
N ALA A 208 15.20 10.59 -8.42
CA ALA A 208 16.64 10.82 -8.34
C ALA A 208 17.33 9.69 -7.57
N PHE A 209 16.73 9.26 -6.46
CA PHE A 209 17.29 8.14 -5.73
C PHE A 209 17.30 6.88 -6.59
N LYS A 210 16.23 6.65 -7.35
CA LYS A 210 16.18 5.52 -8.27
C LYS A 210 17.35 5.57 -9.24
N ALA A 211 17.61 6.77 -9.79
CA ALA A 211 18.77 6.92 -10.67
C ALA A 211 20.04 6.46 -9.97
N TRP A 212 20.25 6.98 -8.77
CA TRP A 212 21.44 6.64 -7.99
C TRP A 212 21.56 5.13 -7.84
N ALA A 213 20.46 4.48 -7.44
CA ALA A 213 20.49 3.05 -7.19
C ALA A 213 20.78 2.26 -8.46
N VAL A 214 20.26 2.71 -9.60
CA VAL A 214 20.60 2.06 -10.86
C VAL A 214 22.10 2.09 -11.08
N ALA A 215 22.71 3.27 -10.91
CA ALA A 215 24.14 3.37 -11.14
C ALA A 215 24.93 2.45 -10.19
N ARG A 216 24.68 2.57 -8.87
CA ARG A 216 25.49 1.81 -7.91
C ARG A 216 25.24 0.31 -8.03
N LEU A 217 23.97 -0.10 -8.15
CA LEU A 217 23.65 -1.52 -8.31
C LEU A 217 24.22 -2.07 -9.60
N SER A 218 24.39 -1.22 -10.61
CA SER A 218 24.94 -1.73 -11.86
C SER A 218 26.44 -1.92 -11.75
N GLN A 219 27.14 -0.97 -11.11
CA GLN A 219 28.56 -1.22 -10.86
C GLN A 219 28.75 -2.45 -9.99
N ARG A 220 27.82 -2.72 -9.07
CA ARG A 220 28.03 -3.83 -8.16
C ARG A 220 27.69 -5.17 -8.79
N PHE A 221 26.72 -5.21 -9.71
CA PHE A 221 26.18 -6.46 -10.26
C PHE A 221 26.20 -6.43 -11.78
N PRO A 222 27.38 -6.31 -12.40
CA PRO A 222 27.44 -6.08 -13.85
C PRO A 222 26.87 -7.23 -14.68
N LYS A 223 26.91 -8.46 -14.18
CA LYS A 223 26.43 -9.63 -14.94
C LYS A 223 24.91 -9.78 -14.90
N ALA A 224 24.20 -8.96 -14.12
CA ALA A 224 22.76 -9.08 -14.05
C ALA A 224 22.10 -8.34 -15.21
N GLU A 225 20.95 -8.86 -15.65
CA GLU A 225 20.21 -8.21 -16.72
C GLU A 225 19.43 -7.02 -16.18
N PHE A 226 19.06 -6.11 -17.09
CA PHE A 226 18.43 -4.87 -16.65
C PHE A 226 17.17 -5.13 -15.85
N ALA A 227 16.32 -6.06 -16.30
CA ALA A 227 15.08 -6.32 -15.58
C ALA A 227 15.34 -6.67 -14.11
N GLU A 228 16.47 -7.32 -13.83
CA GLU A 228 16.81 -7.69 -12.46
C GLU A 228 17.32 -6.49 -11.68
N VAL A 229 18.21 -5.70 -12.28
CA VAL A 229 18.66 -4.47 -11.64
C VAL A 229 17.48 -3.56 -11.34
N SER A 230 16.50 -3.51 -12.26
CA SER A 230 15.32 -2.67 -12.07
C SER A 230 14.46 -3.19 -10.93
N LYS A 231 14.23 -4.50 -10.89
CA LYS A 231 13.51 -5.08 -9.77
C LYS A 231 14.18 -4.73 -8.43
N LEU A 232 15.51 -4.87 -8.37
CA LEU A 232 16.24 -4.55 -7.16
C LEU A 232 16.18 -3.06 -6.83
N VAL A 233 16.14 -2.20 -7.84
CA VAL A 233 16.04 -0.77 -7.59
C VAL A 233 14.70 -0.45 -6.95
N THR A 234 13.62 -0.96 -7.52
CA THR A 234 12.31 -0.73 -6.91
C THR A 234 12.29 -1.21 -5.46
N ASP A 235 12.70 -2.46 -5.21
CA ASP A 235 12.66 -2.97 -3.85
C ASP A 235 13.56 -2.15 -2.92
N LEU A 236 14.73 -1.75 -3.40
CA LEU A 236 15.66 -0.95 -2.60
C LEU A 236 15.09 0.43 -2.28
N THR A 237 14.39 1.04 -3.23
CA THR A 237 13.73 2.31 -2.95
C THR A 237 12.66 2.15 -1.90
N LYS A 238 11.89 1.06 -1.96
CA LYS A 238 10.93 0.81 -0.89
C LYS A 238 11.63 0.67 0.45
N VAL A 239 12.68 -0.16 0.51
CA VAL A 239 13.43 -0.33 1.76
C VAL A 239 13.90 1.01 2.30
N HIS A 240 14.54 1.83 1.48
CA HIS A 240 15.00 3.10 1.98
C HIS A 240 13.93 4.01 2.43
N THR A 241 12.86 4.10 1.69
CA THR A 241 11.76 4.94 2.15
C THR A 241 11.29 4.50 3.53
N GLU A 242 11.03 3.20 3.68
CA GLU A 242 10.51 2.70 4.95
C GLU A 242 11.49 2.95 6.08
N CYS A 243 12.79 2.70 5.85
CA CYS A 243 13.80 2.91 6.87
C CYS A 243 13.94 4.40 7.20
N CYS A 244 13.74 5.28 6.23
CA CYS A 244 13.74 6.71 6.54
C CYS A 244 12.52 7.11 7.36
N HIS A 245 11.43 6.34 7.30
CA HIS A 245 10.31 6.66 8.17
C HIS A 245 10.65 6.40 9.64
N GLY A 246 11.36 5.31 9.94
CA GLY A 246 11.85 5.12 11.30
C GLY A 246 11.52 3.81 12.01
N ASP A 247 10.47 3.11 11.61
CA ASP A 247 10.05 1.90 12.29
C ASP A 247 11.12 0.83 12.16
N LEU A 248 11.67 0.40 13.30
CA LEU A 248 12.74 -0.59 13.28
C LEU A 248 12.27 -1.91 12.65
N LEU A 249 11.11 -2.43 13.07
CA LEU A 249 10.69 -3.76 12.60
C LEU A 249 10.36 -3.75 11.11
N GLU A 250 9.65 -2.74 10.64
CA GLU A 250 9.33 -2.66 9.21
C GLU A 250 10.60 -2.58 8.37
N CYS A 251 11.53 -1.71 8.78
CA CYS A 251 12.80 -1.56 8.06
C CYS A 251 13.58 -2.85 8.06
N ALA A 252 13.62 -3.54 9.21
CA ALA A 252 14.34 -4.80 9.29
C ALA A 252 13.72 -5.84 8.38
N ASP A 253 12.39 -5.99 8.42
CA ASP A 253 11.76 -6.98 7.57
C ASP A 253 11.96 -6.67 6.09
N ASP A 254 11.97 -5.39 5.73
CA ASP A 254 12.21 -5.04 4.34
C ASP A 254 13.62 -5.45 3.92
N ARG A 255 14.62 -5.12 4.73
CA ARG A 255 15.99 -5.50 4.38
C ARG A 255 16.16 -7.02 4.36
N ALA A 256 15.59 -7.72 5.35
CA ALA A 256 15.69 -9.17 5.39
C ALA A 256 15.05 -9.80 4.16
N ASP A 257 13.88 -9.30 3.75
CA ASP A 257 13.22 -9.81 2.56
C ASP A 257 14.09 -9.60 1.34
N LEU A 258 14.61 -8.39 1.16
CA LEU A 258 15.46 -8.13 0.00
C LEU A 258 16.67 -9.05 -0.01
N ALA A 259 17.31 -9.23 1.15
CA ALA A 259 18.44 -10.14 1.25
C ALA A 259 18.06 -11.56 0.86
N LYS A 260 16.92 -12.04 1.36
CA LYS A 260 16.47 -13.38 0.98
C LYS A 260 16.34 -13.49 -0.53
N TYR A 261 15.70 -12.50 -1.15
CA TYR A 261 15.52 -12.55 -2.59
C TYR A 261 16.88 -12.59 -3.30
N ILE A 262 17.78 -11.68 -2.92
CA ILE A 262 19.08 -11.63 -3.57
C ILE A 262 19.82 -12.94 -3.41
N CYS A 263 19.64 -13.64 -2.28
CA CYS A 263 20.38 -14.87 -2.05
C CYS A 263 19.75 -16.07 -2.74
N GLU A 264 18.46 -16.02 -3.03
CA GLU A 264 17.85 -17.09 -3.80
C GLU A 264 18.06 -16.93 -5.29
N ASN A 265 18.49 -15.75 -5.75
CA ASN A 265 18.72 -15.49 -7.17
C ASN A 265 20.16 -15.10 -7.44
N GLN A 266 21.10 -15.72 -6.72
CA GLN A 266 22.51 -15.37 -6.86
C GLN A 266 22.96 -15.47 -8.31
N ASP A 267 22.62 -16.58 -8.99
CA ASP A 267 23.04 -16.79 -10.37
C ASP A 267 22.55 -15.68 -11.29
N SER A 268 21.46 -15.02 -10.93
CA SER A 268 20.90 -13.93 -11.72
C SER A 268 21.53 -12.58 -11.40
N ILE A 269 22.41 -12.50 -10.41
CA ILE A 269 22.84 -11.23 -9.84
C ILE A 269 24.36 -11.13 -9.70
N SER A 270 24.96 -12.00 -8.88
CA SER A 270 26.38 -11.89 -8.61
C SER A 270 26.92 -13.23 -8.12
N SER A 271 28.22 -13.43 -8.32
CA SER A 271 28.91 -14.64 -7.91
C SER A 271 29.78 -14.44 -6.68
N LYS A 272 29.86 -13.23 -6.16
CA LYS A 272 30.61 -12.91 -4.96
C LYS A 272 29.74 -12.83 -3.72
N LEU A 273 28.51 -13.32 -3.78
CA LEU A 273 27.59 -13.31 -2.65
C LEU A 273 27.55 -14.66 -1.93
N LYS A 274 28.43 -15.59 -2.30
CA LYS A 274 28.34 -16.94 -1.76
C LYS A 274 28.39 -16.93 -0.24
N GLU A 275 29.42 -16.31 0.34
CA GLU A 275 29.57 -16.35 1.80
C GLU A 275 28.54 -15.46 2.49
N CYS A 276 28.30 -14.26 1.96
CA CYS A 276 27.31 -13.38 2.56
C CYS A 276 26.01 -14.13 2.79
N CYS A 277 25.59 -14.92 1.80
CA CYS A 277 24.30 -15.61 1.83
C CYS A 277 24.29 -16.81 2.75
N GLU A 278 25.44 -17.20 3.29
CA GLU A 278 25.50 -18.22 4.34
C GLU A 278 25.48 -17.63 5.73
N LYS A 279 25.69 -16.31 5.87
CA LYS A 279 25.70 -15.67 7.18
C LYS A 279 24.29 -15.65 7.77
N PRO A 280 24.18 -15.56 9.09
CA PRO A 280 22.85 -15.55 9.72
C PRO A 280 22.05 -14.30 9.35
N LEU A 281 20.73 -14.41 9.52
CA LEU A 281 19.83 -13.37 9.04
C LEU A 281 20.23 -11.98 9.54
N LEU A 282 20.70 -11.90 10.78
CA LEU A 282 21.06 -10.61 11.35
C LEU A 282 22.13 -9.89 10.52
N GLU A 283 23.08 -10.65 9.97
CA GLU A 283 24.19 -10.06 9.25
C GLU A 283 23.97 -10.01 7.74
N LYS A 284 22.95 -10.70 7.23
CA LYS A 284 22.78 -10.87 5.79
C LYS A 284 22.80 -9.54 5.02
N SER A 285 21.75 -8.73 5.15
CA SER A 285 21.67 -7.51 4.35
C SER A 285 22.92 -6.65 4.52
N HIS A 286 23.44 -6.57 5.74
CA HIS A 286 24.69 -5.87 6.00
C HIS A 286 25.81 -6.39 5.10
N CYS A 287 26.01 -7.71 5.09
CA CYS A 287 27.09 -8.32 4.32
C CYS A 287 26.89 -8.08 2.82
N ILE A 288 25.64 -8.19 2.35
CA ILE A 288 25.37 -7.99 0.93
C ILE A 288 25.63 -6.55 0.52
N ALA A 289 25.39 -5.60 1.41
CA ALA A 289 25.58 -4.19 1.08
C ALA A 289 27.05 -3.77 1.06
N GLU A 290 27.94 -4.55 1.67
CA GLU A 290 29.35 -4.23 1.74
C GLU A 290 30.21 -5.07 0.81
N VAL A 291 29.60 -5.96 0.02
CA VAL A 291 30.37 -6.87 -0.82
C VAL A 291 31.03 -6.11 -1.96
N GLU A 292 32.20 -6.59 -2.36
CA GLU A 292 32.95 -5.98 -3.46
C GLU A 292 32.18 -6.12 -4.76
N ASN A 293 32.41 -5.17 -5.68
CA ASN A 293 31.81 -5.24 -7.00
C ASN A 293 32.13 -6.58 -7.68
N ASP A 294 31.14 -7.11 -8.39
CA ASP A 294 31.34 -8.33 -9.17
C ASP A 294 32.16 -8.01 -10.42
N GLU A 295 32.93 -9.00 -10.87
CA GLU A 295 33.69 -8.85 -12.10
C GLU A 295 32.74 -8.61 -13.28
N MET A 296 33.07 -7.63 -14.11
CA MET A 296 32.15 -7.35 -15.21
C MET A 296 32.40 -8.30 -16.39
N PRO A 297 31.34 -8.65 -17.13
CA PRO A 297 31.52 -9.51 -18.31
C PRO A 297 32.56 -8.95 -19.26
N ALA A 298 33.31 -9.85 -19.91
CA ALA A 298 34.43 -9.43 -20.73
C ALA A 298 33.99 -8.85 -22.06
N ASP A 299 33.15 -9.57 -22.80
CA ASP A 299 32.80 -9.18 -24.17
C ASP A 299 31.56 -8.30 -24.15
N LEU A 300 31.77 -7.06 -23.69
CA LEU A 300 30.70 -6.07 -23.64
C LEU A 300 30.89 -5.05 -24.75
N PRO A 301 29.90 -4.87 -25.64
CA PRO A 301 30.05 -3.90 -26.71
C PRO A 301 30.11 -2.47 -26.22
N SER A 302 30.30 -1.54 -27.14
CA SER A 302 30.12 -0.14 -26.80
C SER A 302 28.64 0.20 -26.85
N LEU A 303 28.29 1.32 -26.21
CA LEU A 303 26.90 1.77 -26.15
C LEU A 303 26.44 2.42 -27.44
N ALA A 304 27.31 2.51 -28.45
CA ALA A 304 26.96 3.26 -29.66
C ALA A 304 25.78 2.64 -30.40
N ALA A 305 25.70 1.31 -30.44
CA ALA A 305 24.68 0.64 -31.23
C ALA A 305 23.27 0.88 -30.67
N ASP A 306 23.12 0.87 -29.35
CA ASP A 306 21.79 0.96 -28.75
C ASP A 306 21.34 2.41 -28.50
N PHE A 307 22.26 3.32 -28.22
CA PHE A 307 21.88 4.65 -27.75
C PHE A 307 22.32 5.79 -28.66
N VAL A 308 22.86 5.50 -29.83
CA VAL A 308 23.32 6.54 -30.75
C VAL A 308 22.94 6.23 -32.19
N GLU A 309 23.52 5.16 -32.74
CA GLU A 309 23.34 4.86 -34.15
C GLU A 309 21.99 4.26 -34.47
N SER A 310 21.40 3.52 -33.53
CA SER A 310 20.12 2.90 -33.79
C SER A 310 19.05 3.94 -34.08
N LYS A 311 18.25 3.69 -35.10
CA LYS A 311 16.97 4.37 -35.20
C LYS A 311 16.05 3.86 -34.11
N ASP A 312 14.94 4.55 -33.90
CA ASP A 312 13.99 4.26 -32.83
C ASP A 312 14.48 4.76 -31.48
N VAL A 313 15.67 5.38 -31.40
CA VAL A 313 16.12 5.94 -30.13
C VAL A 313 15.07 6.90 -29.58
N CYS A 314 14.57 7.80 -30.42
CA CYS A 314 13.52 8.70 -29.97
C CYS A 314 12.24 7.94 -29.67
N LYS A 315 11.91 6.93 -30.48
CA LYS A 315 10.72 6.13 -30.20
C LYS A 315 10.88 5.37 -28.88
N ASN A 316 11.98 4.64 -28.73
CA ASN A 316 12.21 3.90 -27.49
C ASN A 316 12.37 4.82 -26.28
N TYR A 317 12.70 6.10 -26.52
CA TYR A 317 12.86 7.04 -25.41
C TYR A 317 11.52 7.63 -25.00
N ALA A 318 10.73 8.11 -25.96
CA ALA A 318 9.40 8.64 -25.66
C ALA A 318 8.47 7.55 -25.16
N GLU A 319 8.72 6.30 -25.56
CA GLU A 319 7.89 5.20 -25.09
C GLU A 319 7.92 5.11 -23.57
N ALA A 320 9.10 5.28 -22.97
CA ALA A 320 9.26 5.19 -21.51
C ALA A 320 10.59 5.86 -21.16
N LYS A 321 10.55 7.19 -21.01
CA LYS A 321 11.79 7.96 -20.88
C LYS A 321 12.65 7.44 -19.73
N ASP A 322 12.07 7.36 -18.54
CA ASP A 322 12.86 6.96 -17.37
C ASP A 322 13.39 5.55 -17.50
N VAL A 323 12.62 4.65 -18.12
CA VAL A 323 13.13 3.30 -18.34
C VAL A 323 14.33 3.33 -19.28
N PHE A 324 14.25 4.17 -20.32
CA PHE A 324 15.34 4.23 -21.29
C PHE A 324 16.60 4.81 -20.66
N LEU A 325 16.47 5.96 -19.97
CA LEU A 325 17.61 6.52 -19.26
C LEU A 325 18.15 5.55 -18.23
N GLY A 326 17.28 4.81 -17.57
CA GLY A 326 17.74 3.76 -16.69
C GLY A 326 18.59 2.73 -17.41
N MET A 327 18.19 2.38 -18.64
CA MET A 327 18.97 1.43 -19.42
C MET A 327 20.34 2.00 -19.80
N PHE A 328 20.38 3.27 -20.23
CA PHE A 328 21.65 3.92 -20.52
C PHE A 328 22.56 3.92 -19.30
N LEU A 329 22.04 4.39 -18.16
CA LEU A 329 22.80 4.37 -16.92
C LEU A 329 23.31 2.98 -16.63
N TYR A 330 22.42 1.98 -16.67
CA TYR A 330 22.80 0.59 -16.41
C TYR A 330 23.99 0.17 -17.27
N GLU A 331 23.84 0.26 -18.60
CA GLU A 331 24.93 -0.14 -19.49
C GLU A 331 26.21 0.62 -19.16
N TYR A 332 26.11 1.93 -18.90
CA TYR A 332 27.32 2.73 -18.67
C TYR A 332 27.99 2.36 -17.36
N ALA A 333 27.20 2.25 -16.29
CA ALA A 333 27.73 2.01 -14.95
C ALA A 333 28.37 0.63 -14.85
N ARG A 334 27.70 -0.41 -15.36
CA ARG A 334 28.33 -1.72 -15.24
C ARG A 334 29.61 -1.83 -16.05
N ARG A 335 29.87 -0.87 -16.94
CA ARG A 335 31.11 -0.83 -17.69
C ARG A 335 32.18 0.00 -17.00
N HIS A 336 31.80 0.78 -15.99
CA HIS A 336 32.71 1.75 -15.38
C HIS A 336 32.55 1.70 -13.87
N PRO A 337 32.95 0.59 -13.25
CA PRO A 337 33.10 0.59 -11.79
C PRO A 337 34.09 1.62 -11.29
N ASP A 338 34.89 2.23 -12.19
CA ASP A 338 35.87 3.22 -11.78
C ASP A 338 35.26 4.61 -11.62
N TYR A 339 34.17 4.91 -12.29
CA TYR A 339 33.54 6.23 -12.16
C TYR A 339 32.79 6.34 -10.84
N SER A 340 32.65 7.57 -10.35
CA SER A 340 31.77 7.82 -9.22
C SER A 340 30.30 7.70 -9.65
N VAL A 341 29.43 7.44 -8.68
CA VAL A 341 28.01 7.40 -9.00
C VAL A 341 27.54 8.75 -9.53
N VAL A 342 27.97 9.84 -8.88
CA VAL A 342 27.54 11.16 -9.31
C VAL A 342 27.97 11.42 -10.75
N LEU A 343 29.21 11.05 -11.10
CA LEU A 343 29.67 11.25 -12.46
C LEU A 343 28.76 10.56 -13.48
N LEU A 344 28.46 9.28 -13.23
CA LEU A 344 27.51 8.59 -14.10
C LEU A 344 26.18 9.32 -14.17
N LEU A 345 25.77 9.97 -13.08
CA LEU A 345 24.52 10.72 -13.12
C LEU A 345 24.63 12.00 -13.94
N ARG A 346 25.82 12.63 -13.98
CA ARG A 346 26.01 13.75 -14.90
C ARG A 346 25.98 13.27 -16.35
N LEU A 347 26.49 12.07 -16.60
CA LEU A 347 26.42 11.53 -17.95
C LEU A 347 24.96 11.24 -18.33
N ALA A 348 24.24 10.51 -17.49
CA ALA A 348 22.84 10.21 -17.78
C ALA A 348 22.02 11.49 -17.90
N LYS A 349 22.33 12.50 -17.08
CA LYS A 349 21.62 13.77 -17.19
C LYS A 349 21.91 14.41 -18.53
N THR A 350 23.18 14.50 -18.91
CA THR A 350 23.56 15.10 -20.18
C THR A 350 22.88 14.40 -21.35
N TYR A 351 22.97 13.07 -21.39
CA TYR A 351 22.31 12.30 -22.42
C TYR A 351 20.80 12.58 -22.44
N GLU A 352 20.20 12.78 -21.25
CA GLU A 352 18.78 13.10 -21.18
C GLU A 352 18.49 14.48 -21.78
N THR A 353 19.32 15.47 -21.47
CA THR A 353 19.11 16.80 -22.04
C THR A 353 19.19 16.74 -23.56
N THR A 354 20.24 16.11 -24.09
CA THR A 354 20.38 16.14 -25.54
C THR A 354 19.28 15.34 -26.23
N LEU A 355 18.91 14.17 -25.67
CA LEU A 355 17.75 13.47 -26.22
C LEU A 355 16.50 14.34 -26.19
N GLU A 356 16.40 15.24 -25.21
CA GLU A 356 15.26 16.15 -25.18
C GLU A 356 15.35 17.19 -26.29
N LYS A 357 16.54 17.71 -26.56
CA LYS A 357 16.69 18.78 -27.53
C LYS A 357 16.68 18.27 -28.98
N CYS A 358 17.07 17.02 -29.18
CA CYS A 358 17.28 16.46 -30.52
C CYS A 358 16.06 15.74 -31.06
N CYS A 359 15.35 14.99 -30.21
CA CYS A 359 14.18 14.28 -30.70
C CYS A 359 13.06 15.22 -31.15
N ALA A 360 13.23 16.53 -30.94
CA ALA A 360 12.28 17.52 -31.42
C ALA A 360 12.88 18.41 -32.51
N ALA A 361 14.05 18.05 -33.04
CA ALA A 361 14.75 18.85 -34.04
C ALA A 361 14.52 18.27 -35.44
N ALA A 362 15.04 18.98 -36.44
CA ALA A 362 14.79 18.63 -37.85
C ALA A 362 15.07 17.15 -38.12
N ASP A 363 16.27 16.70 -37.76
CA ASP A 363 16.66 15.30 -37.93
C ASP A 363 17.27 14.80 -36.62
N PRO A 364 16.50 14.05 -35.82
CA PRO A 364 17.06 13.58 -34.54
C PRO A 364 18.33 12.77 -34.69
N HIS A 365 18.34 11.80 -35.61
CA HIS A 365 19.49 10.90 -35.75
C HIS A 365 20.79 11.64 -36.04
N GLU A 366 20.72 12.86 -36.55
CA GLU A 366 21.90 13.66 -36.81
C GLU A 366 22.20 14.65 -35.70
N CYS A 367 21.18 15.06 -34.94
CA CYS A 367 21.41 16.01 -33.86
C CYS A 367 22.14 15.37 -32.69
N TYR A 368 21.74 14.16 -32.31
CA TYR A 368 22.35 13.45 -31.19
C TYR A 368 23.48 12.53 -31.62
N ALA A 369 24.04 12.73 -32.81
CA ALA A 369 25.04 11.80 -33.33
C ALA A 369 26.29 11.81 -32.47
N LYS A 370 26.90 12.98 -32.28
CA LYS A 370 28.14 13.07 -31.52
C LYS A 370 27.92 13.41 -30.04
N VAL A 371 27.01 12.68 -29.39
CA VAL A 371 26.67 13.02 -28.00
C VAL A 371 27.76 12.54 -27.05
N PHE A 372 28.24 11.31 -27.23
CA PHE A 372 29.26 10.78 -26.32
C PHE A 372 30.50 11.65 -26.26
N ASP A 373 30.73 12.50 -27.27
CA ASP A 373 31.83 13.45 -27.17
C ASP A 373 31.60 14.42 -26.03
N GLU A 374 30.33 14.65 -25.66
CA GLU A 374 30.04 15.55 -24.54
C GLU A 374 30.41 14.94 -23.20
N PHE A 375 30.53 13.61 -23.12
CA PHE A 375 30.86 12.97 -21.85
C PHE A 375 32.31 13.23 -21.46
N LYS A 376 33.20 13.26 -22.45
CA LYS A 376 34.65 13.27 -22.17
C LYS A 376 35.06 14.33 -21.16
N PRO A 377 34.75 15.61 -21.35
CA PRO A 377 35.21 16.61 -20.35
C PRO A 377 34.67 16.34 -18.95
N LEU A 378 33.38 16.04 -18.84
CA LEU A 378 32.80 15.74 -17.53
C LEU A 378 33.53 14.59 -16.86
N VAL A 379 34.05 13.66 -17.65
CA VAL A 379 34.78 12.52 -17.11
C VAL A 379 36.20 12.91 -16.71
N GLU A 380 36.85 13.76 -17.50
CA GLU A 380 38.22 14.16 -17.19
C GLU A 380 38.30 15.13 -16.02
N GLU A 381 37.21 15.83 -15.71
CA GLU A 381 37.25 16.79 -14.59
C GLU A 381 37.64 16.13 -13.27
N PRO A 382 36.86 15.18 -12.73
CA PRO A 382 37.27 14.54 -11.47
C PRO A 382 38.54 13.74 -11.62
N GLN A 383 38.84 13.24 -12.82
CA GLN A 383 40.07 12.49 -13.02
C GLN A 383 41.28 13.39 -12.86
N ASN A 384 41.33 14.50 -13.60
CA ASN A 384 42.42 15.44 -13.43
C ASN A 384 42.53 15.92 -11.99
N LEU A 385 41.40 16.26 -11.36
CA LEU A 385 41.48 16.73 -9.97
C LEU A 385 42.09 15.68 -9.05
N ILE A 386 41.78 14.40 -9.30
CA ILE A 386 42.37 13.33 -8.50
C ILE A 386 43.86 13.22 -8.77
N LYS A 387 44.25 13.11 -10.04
CA LYS A 387 45.66 12.98 -10.38
C LYS A 387 46.47 14.11 -9.76
N GLN A 388 46.09 15.35 -10.04
CA GLN A 388 46.82 16.50 -9.52
C GLN A 388 46.89 16.49 -8.00
N ASN A 389 45.76 16.21 -7.33
CA ASN A 389 45.74 16.31 -5.87
C ASN A 389 46.52 15.19 -5.20
N CYS A 390 46.44 13.97 -5.72
CA CYS A 390 47.25 12.87 -5.18
C CYS A 390 48.72 13.06 -5.51
N GLU A 391 49.01 13.67 -6.65
CA GLU A 391 50.39 14.00 -7.01
C GLU A 391 50.96 15.02 -6.04
N LEU A 392 50.15 16.01 -5.67
CA LEU A 392 50.57 16.97 -4.64
C LEU A 392 50.73 16.29 -3.28
N PHE A 393 49.83 15.37 -2.95
CA PHE A 393 49.95 14.66 -1.67
C PHE A 393 51.18 13.79 -1.61
N GLU A 394 51.66 13.27 -2.74
CA GLU A 394 52.87 12.45 -2.71
C GLU A 394 54.11 13.29 -2.47
N GLN A 395 54.13 14.51 -2.97
CA GLN A 395 55.25 15.42 -2.77
C GLN A 395 55.33 15.84 -1.32
N LEU A 396 54.32 16.58 -0.84
CA LEU A 396 54.25 16.99 0.55
C LEU A 396 53.74 15.86 1.42
N GLY A 397 54.10 15.89 2.70
CA GLY A 397 53.54 14.90 3.61
C GLY A 397 52.04 15.09 3.76
N GLU A 398 51.39 14.29 4.59
CA GLU A 398 49.99 14.56 4.88
C GLU A 398 49.83 15.93 5.53
N TYR A 399 50.76 16.30 6.40
CA TYR A 399 50.62 17.55 7.16
C TYR A 399 50.84 18.78 6.28
N LYS A 400 51.92 18.78 5.50
CA LYS A 400 52.17 19.92 4.61
C LYS A 400 51.11 20.03 3.53
N PHE A 401 50.57 18.90 3.07
CA PHE A 401 49.42 18.91 2.16
C PHE A 401 48.22 19.57 2.84
N GLN A 402 47.95 19.18 4.09
CA GLN A 402 46.89 19.83 4.83
C GLN A 402 47.10 21.34 4.86
N ASN A 403 48.34 21.79 5.00
CA ASN A 403 48.62 23.22 5.01
C ASN A 403 48.37 23.86 3.64
N ALA A 404 48.66 23.14 2.56
CA ALA A 404 48.33 23.66 1.24
C ALA A 404 46.81 23.84 1.08
N LEU A 405 46.05 22.79 1.36
CA LEU A 405 44.59 22.93 1.32
C LEU A 405 44.12 24.03 2.24
N LEU A 406 44.75 24.16 3.42
CA LEU A 406 44.38 25.19 4.37
C LEU A 406 44.49 26.57 3.73
N VAL A 407 45.61 26.85 3.07
CA VAL A 407 45.80 28.15 2.43
C VAL A 407 44.80 28.34 1.29
N ARG A 408 44.51 27.28 0.53
CA ARG A 408 43.63 27.46 -0.63
C ARG A 408 42.20 27.75 -0.19
N TYR A 409 41.69 26.97 0.77
CA TYR A 409 40.30 27.12 1.16
C TYR A 409 40.11 28.32 2.08
N THR A 410 41.15 28.72 2.83
CA THR A 410 41.06 29.98 3.54
C THR A 410 40.95 31.15 2.57
N LYS A 411 41.80 31.17 1.54
CA LYS A 411 41.65 32.23 0.54
C LYS A 411 40.29 32.15 -0.16
N LYS A 412 39.73 30.95 -0.28
CA LYS A 412 38.47 30.81 -1.01
C LYS A 412 37.26 31.29 -0.20
N VAL A 413 37.19 30.91 1.08
CA VAL A 413 36.08 31.35 1.93
C VAL A 413 36.63 31.86 3.26
N PRO A 414 37.22 33.07 3.29
CA PRO A 414 37.84 33.55 4.54
C PRO A 414 36.85 33.87 5.64
N GLN A 415 35.55 33.94 5.34
CA GLN A 415 34.55 34.24 6.36
C GLN A 415 34.28 33.04 7.28
N VAL A 416 34.73 31.84 6.91
CA VAL A 416 34.52 30.67 7.76
C VAL A 416 35.40 30.77 9.01
N SER A 417 34.86 30.37 10.16
CA SER A 417 35.62 30.41 11.40
C SER A 417 36.92 29.62 11.25
N THR A 418 37.92 30.00 12.04
CA THR A 418 39.23 29.36 11.95
C THR A 418 39.18 27.87 12.29
N PRO A 419 38.62 27.45 13.42
CA PRO A 419 38.65 26.01 13.74
C PRO A 419 37.98 25.16 12.68
N THR A 420 36.99 25.69 11.98
CA THR A 420 36.31 24.93 10.93
C THR A 420 37.19 24.78 9.70
N LEU A 421 37.91 25.84 9.31
CA LEU A 421 38.88 25.72 8.24
C LEU A 421 39.94 24.68 8.58
N VAL A 422 40.44 24.72 9.82
CA VAL A 422 41.44 23.74 10.24
C VAL A 422 40.89 22.31 10.13
N GLU A 423 39.68 22.09 10.66
CA GLU A 423 39.15 20.73 10.69
C GLU A 423 38.84 20.22 9.30
N VAL A 424 38.28 21.07 8.44
CA VAL A 424 37.99 20.65 7.06
C VAL A 424 39.27 20.35 6.30
N SER A 425 40.29 21.21 6.46
CA SER A 425 41.56 20.99 5.78
C SER A 425 42.23 19.71 6.25
N ARG A 426 42.18 19.42 7.55
CA ARG A 426 42.80 18.19 8.03
C ARG A 426 42.01 16.96 7.56
N ASN A 427 40.68 17.00 7.65
CA ASN A 427 39.87 15.90 7.13
C ASN A 427 40.18 15.64 5.65
N LEU A 428 40.13 16.69 4.82
CA LEU A 428 40.50 16.54 3.41
C LEU A 428 41.87 15.90 3.28
N GLY A 429 42.81 16.29 4.15
CA GLY A 429 44.10 15.63 4.12
C GLY A 429 44.00 14.14 4.36
N LYS A 430 43.19 13.74 5.35
CA LYS A 430 43.02 12.31 5.61
C LYS A 430 42.41 11.59 4.41
N VAL A 431 41.49 12.25 3.70
CA VAL A 431 40.94 11.66 2.48
C VAL A 431 42.05 11.45 1.46
N GLY A 432 43.00 12.38 1.39
CA GLY A 432 44.12 12.20 0.50
C GLY A 432 45.00 11.03 0.91
N SER A 433 45.21 10.84 2.22
CA SER A 433 46.01 9.71 2.69
C SER A 433 45.32 8.39 2.35
N LYS A 434 44.00 8.35 2.45
CA LYS A 434 43.29 7.07 2.28
C LYS A 434 43.12 6.71 0.81
N CYS A 435 42.62 7.64 -0.01
CA CYS A 435 42.26 7.27 -1.37
C CYS A 435 43.47 7.25 -2.31
N CYS A 436 44.45 8.12 -2.10
CA CYS A 436 45.58 8.19 -3.02
C CYS A 436 46.43 6.92 -3.02
N LYS A 437 46.27 6.05 -2.03
CA LYS A 437 46.97 4.78 -2.01
C LYS A 437 46.24 3.68 -2.76
N HIS A 438 45.08 3.98 -3.36
CA HIS A 438 44.46 3.08 -4.32
C HIS A 438 44.99 3.37 -5.72
N PRO A 439 44.89 2.42 -6.65
CA PRO A 439 45.19 2.72 -8.05
C PRO A 439 44.13 3.65 -8.63
N GLU A 440 44.43 4.19 -9.83
CA GLU A 440 43.47 5.08 -10.46
C GLU A 440 42.13 4.40 -10.65
N ALA A 441 42.13 3.14 -11.10
CA ALA A 441 40.90 2.44 -11.42
C ALA A 441 39.92 2.41 -10.26
N LYS A 442 40.35 2.73 -9.05
CA LYS A 442 39.48 2.67 -7.87
C LYS A 442 39.58 3.93 -7.02
N ARG A 443 40.07 5.04 -7.57
CA ARG A 443 40.23 6.24 -6.75
C ARG A 443 38.97 7.09 -6.67
N MET A 444 38.26 7.27 -7.78
CA MET A 444 37.13 8.21 -7.83
C MET A 444 35.96 7.77 -6.96
N PRO A 445 35.62 6.48 -6.91
CA PRO A 445 34.59 6.05 -5.94
C PRO A 445 35.00 6.36 -4.52
N CYS A 446 36.26 6.09 -4.17
CA CYS A 446 36.76 6.38 -2.84
C CYS A 446 36.54 7.86 -2.50
N ALA A 447 37.10 8.76 -3.32
CA ALA A 447 36.98 10.18 -3.04
C ALA A 447 35.53 10.58 -2.82
N GLU A 448 34.65 10.25 -3.77
CA GLU A 448 33.24 10.55 -3.62
C GLU A 448 32.77 10.11 -2.24
N ASP A 449 32.99 8.83 -1.93
CA ASP A 449 32.51 8.26 -0.69
C ASP A 449 32.96 9.10 0.50
N TYR A 450 34.22 9.52 0.50
CA TYR A 450 34.73 10.30 1.62
C TYR A 450 34.31 11.76 1.50
N LEU A 451 34.35 12.31 0.29
CA LEU A 451 33.98 13.71 0.16
C LEU A 451 32.54 13.92 0.59
N SER A 452 31.65 13.01 0.21
CA SER A 452 30.25 13.17 0.58
C SER A 452 30.09 13.32 2.08
N VAL A 453 30.97 12.73 2.87
CA VAL A 453 30.80 12.90 4.31
C VAL A 453 31.41 14.22 4.76
N VAL A 454 32.59 14.57 4.23
CA VAL A 454 33.23 15.81 4.64
C VAL A 454 32.39 17.00 4.21
N LEU A 455 32.09 17.08 2.91
CA LEU A 455 31.24 18.16 2.44
C LEU A 455 29.88 18.13 3.10
N ASN A 456 29.47 16.98 3.64
CA ASN A 456 28.22 16.94 4.38
C ASN A 456 28.39 17.59 5.74
N GLN A 457 29.43 17.20 6.47
CA GLN A 457 29.66 17.79 7.78
C GLN A 457 29.75 19.31 7.68
N LEU A 458 30.45 19.82 6.67
CA LEU A 458 30.51 21.26 6.48
C LEU A 458 29.12 21.85 6.37
N CYS A 459 28.28 21.24 5.55
CA CYS A 459 27.00 21.86 5.23
C CYS A 459 26.12 21.98 6.46
N VAL A 460 26.04 20.93 7.27
CA VAL A 460 25.25 21.04 8.49
C VAL A 460 25.77 22.19 9.33
N LEU A 461 27.10 22.25 9.54
CA LEU A 461 27.66 23.38 10.29
C LEU A 461 27.22 24.69 9.66
N HIS A 462 27.38 24.80 8.34
CA HIS A 462 27.05 26.06 7.70
C HIS A 462 25.57 26.39 7.86
N GLU A 463 24.72 25.37 7.91
CA GLU A 463 23.30 25.62 8.10
C GLU A 463 23.06 26.27 9.45
N LYS A 464 23.71 25.74 10.50
CA LYS A 464 23.48 26.28 11.84
C LYS A 464 23.92 27.73 11.92
N THR A 465 25.12 28.05 11.42
CA THR A 465 25.65 29.40 11.44
C THR A 465 26.14 29.72 10.03
N PRO A 466 25.26 30.21 9.16
CA PRO A 466 25.68 30.51 7.78
C PRO A 466 26.61 31.71 7.73
N VAL A 467 27.52 31.67 6.76
CA VAL A 467 28.54 32.72 6.63
C VAL A 467 28.72 33.13 5.18
N SER A 468 28.60 32.19 4.25
CA SER A 468 28.91 32.45 2.84
C SER A 468 27.70 32.09 1.96
N ASP A 469 27.28 33.06 1.14
CA ASP A 469 26.19 32.81 0.20
C ASP A 469 26.57 31.74 -0.82
N ARG A 470 27.85 31.72 -1.21
CA ARG A 470 28.29 30.71 -2.17
C ARG A 470 28.30 29.32 -1.54
N VAL A 471 28.70 29.21 -0.26
CA VAL A 471 28.69 27.92 0.40
C VAL A 471 27.26 27.45 0.64
N THR A 472 26.36 28.37 1.00
CA THR A 472 24.96 28.00 1.08
C THR A 472 24.47 27.48 -0.25
N LYS A 473 24.82 28.15 -1.34
CA LYS A 473 24.43 27.67 -2.66
C LYS A 473 24.92 26.24 -2.89
N CYS A 474 26.18 25.95 -2.51
CA CYS A 474 26.68 24.59 -2.71
C CYS A 474 25.97 23.58 -1.83
N CYS A 475 25.55 23.98 -0.63
CA CYS A 475 24.93 23.04 0.29
C CYS A 475 23.47 22.77 -0.03
N THR A 476 22.78 23.74 -0.64
CA THR A 476 21.39 23.54 -1.03
C THR A 476 21.25 22.93 -2.42
N GLU A 477 22.35 22.81 -3.16
CA GLU A 477 22.31 22.27 -4.50
C GLU A 477 21.99 20.76 -4.47
N SER A 478 21.77 20.20 -5.65
CA SER A 478 21.57 18.76 -5.76
C SER A 478 22.85 18.03 -5.41
N LEU A 479 22.71 16.86 -4.80
CA LEU A 479 23.89 16.09 -4.39
C LEU A 479 24.79 15.71 -5.56
N VAL A 480 24.34 15.89 -6.81
CA VAL A 480 25.18 15.61 -7.97
C VAL A 480 26.11 16.79 -8.27
N ASN A 481 25.66 18.02 -8.02
CA ASN A 481 26.46 19.21 -8.25
C ASN A 481 27.12 19.73 -6.99
N ARG A 482 26.95 19.06 -5.85
CA ARG A 482 27.53 19.54 -4.60
C ARG A 482 29.05 19.68 -4.74
N ARG A 483 29.72 18.55 -4.95
CA ARG A 483 31.18 18.58 -5.07
C ARG A 483 31.64 19.52 -6.17
N PRO A 484 31.12 19.47 -7.39
CA PRO A 484 31.53 20.46 -8.40
C PRO A 484 31.31 21.89 -7.98
N CYS A 485 30.20 22.16 -7.27
CA CYS A 485 29.94 23.52 -6.78
C CYS A 485 31.05 23.99 -5.85
N PHE A 486 31.52 23.11 -4.97
CA PHE A 486 32.64 23.50 -4.10
C PHE A 486 33.92 23.68 -4.90
N SER A 487 34.18 22.78 -5.87
CA SER A 487 35.38 22.92 -6.69
C SER A 487 35.38 24.20 -7.49
N ALA A 488 34.20 24.77 -7.75
CA ALA A 488 34.05 25.99 -8.52
C ALA A 488 34.26 27.26 -7.69
N LEU A 489 34.51 27.12 -6.39
CA LEU A 489 34.72 28.28 -5.55
C LEU A 489 36.03 28.96 -5.93
N GLU A 490 35.99 30.27 -6.07
CA GLU A 490 37.16 31.07 -6.40
C GLU A 490 37.57 31.91 -5.21
N VAL A 491 38.82 32.37 -5.25
CA VAL A 491 39.33 33.23 -4.20
C VAL A 491 38.41 34.43 -4.04
N ASP A 492 38.18 34.83 -2.78
CA ASP A 492 37.31 35.96 -2.47
C ASP A 492 38.14 37.23 -2.57
N GLU A 493 38.14 37.85 -3.76
CA GLU A 493 38.90 39.06 -4.01
C GLU A 493 38.32 40.31 -3.36
N THR A 494 37.16 40.19 -2.71
CA THR A 494 36.52 41.31 -2.02
C THR A 494 36.81 41.32 -0.53
N TYR A 495 37.33 40.23 0.03
CA TYR A 495 37.55 40.13 1.47
C TYR A 495 38.50 41.21 1.95
N VAL A 496 38.09 41.90 3.02
CA VAL A 496 38.93 42.90 3.67
C VAL A 496 39.81 42.19 4.70
N PRO A 497 41.12 42.41 4.67
CA PRO A 497 42.00 41.70 5.61
C PRO A 497 41.60 41.95 7.05
N LYS A 498 41.86 40.95 7.89
CA LYS A 498 41.52 41.01 9.29
C LYS A 498 42.56 41.81 10.05
N GLU A 499 42.12 42.47 11.14
CA GLU A 499 43.03 43.27 11.94
C GLU A 499 44.12 42.41 12.56
N PHE A 500 45.35 42.93 12.53
CA PHE A 500 46.43 42.26 13.24
C PHE A 500 46.15 42.27 14.74
N ASN A 501 46.21 41.08 15.34
CA ASN A 501 46.08 40.94 16.79
C ASN A 501 47.34 40.24 17.29
N ALA A 502 48.09 40.93 18.14
CA ALA A 502 49.41 40.42 18.55
C ALA A 502 49.29 39.06 19.25
N GLU A 503 48.28 38.88 20.10
CA GLU A 503 48.16 37.62 20.82
C GLU A 503 47.98 36.45 19.86
N THR A 504 47.21 36.64 18.79
CA THR A 504 47.00 35.59 17.82
C THR A 504 48.32 35.03 17.31
N PHE A 505 49.40 35.81 17.37
CA PHE A 505 50.70 35.40 16.85
C PHE A 505 51.77 35.37 17.94
N THR A 506 51.37 35.32 19.20
CA THR A 506 52.30 35.14 20.32
C THR A 506 52.31 33.68 20.72
N PHE A 507 53.50 33.15 20.97
CA PHE A 507 53.67 31.72 21.23
C PHE A 507 54.48 31.52 22.52
N HIS A 508 54.10 30.50 23.28
CA HIS A 508 54.73 30.22 24.56
C HIS A 508 55.33 28.81 24.56
N ALA A 509 56.21 28.58 25.54
CA ALA A 509 57.00 27.35 25.57
C ALA A 509 56.16 26.11 25.78
N ASP A 510 54.91 26.24 26.24
CA ASP A 510 54.07 25.06 26.39
C ASP A 510 53.96 24.31 25.08
N ILE A 511 54.06 25.00 23.95
CA ILE A 511 53.93 24.35 22.65
C ILE A 511 54.99 23.26 22.48
N CYS A 512 56.13 23.41 23.17
CA CYS A 512 57.20 22.42 23.07
C CYS A 512 56.82 21.09 23.70
N THR A 513 55.85 21.08 24.62
CA THR A 513 55.44 19.85 25.31
C THR A 513 54.12 19.30 24.78
N LEU A 514 53.47 20.01 23.87
CA LEU A 514 52.23 19.51 23.28
C LEU A 514 52.49 18.24 22.47
N SER A 515 51.43 17.47 22.25
CA SER A 515 51.51 16.32 21.37
C SER A 515 51.63 16.79 19.92
N GLU A 516 52.15 15.90 19.06
CA GLU A 516 52.29 16.25 17.65
C GLU A 516 50.97 16.71 17.07
N LYS A 517 49.85 16.13 17.52
CA LYS A 517 48.55 16.49 16.97
C LYS A 517 48.14 17.91 17.38
N GLU A 518 48.31 18.23 18.67
CA GLU A 518 47.92 19.55 19.16
C GLU A 518 48.91 20.62 18.70
N ARG A 519 50.20 20.30 18.65
CA ARG A 519 51.16 21.21 18.04
C ARG A 519 50.77 21.53 16.60
N GLN A 520 50.38 20.49 15.84
CA GLN A 520 49.98 20.69 14.45
C GLN A 520 48.76 21.60 14.36
N ILE A 521 47.74 21.35 15.18
CA ILE A 521 46.54 22.18 15.10
C ILE A 521 46.83 23.61 15.55
N LYS A 522 47.80 23.80 16.45
CA LYS A 522 48.16 25.15 16.87
C LYS A 522 48.85 25.91 15.74
N LYS A 523 49.82 25.26 15.08
CA LYS A 523 50.49 25.92 13.97
C LYS A 523 49.53 26.16 12.81
N GLN A 524 48.67 25.19 12.52
CA GLN A 524 47.72 25.35 11.42
C GLN A 524 46.71 26.45 11.73
N THR A 525 46.31 26.57 12.98
CA THR A 525 45.45 27.68 13.39
C THR A 525 46.13 29.02 13.12
N ALA A 526 47.39 29.16 13.57
CA ALA A 526 48.13 30.38 13.28
C ALA A 526 48.27 30.61 11.78
N LEU A 527 48.34 29.53 10.98
CA LEU A 527 48.49 29.68 9.54
C LEU A 527 47.22 30.24 8.91
N VAL A 528 46.06 29.75 9.35
CA VAL A 528 44.80 30.31 8.87
C VAL A 528 44.68 31.77 9.29
N GLU A 529 44.94 32.07 10.56
CA GLU A 529 44.89 33.46 11.01
C GLU A 529 45.85 34.34 10.21
N LEU A 530 47.00 33.79 9.83
CA LEU A 530 47.96 34.53 9.02
C LEU A 530 47.43 34.80 7.63
N VAL A 531 46.73 33.83 7.04
CA VAL A 531 46.18 34.08 5.71
C VAL A 531 45.01 35.06 5.78
N LYS A 532 44.24 35.02 6.88
CA LYS A 532 43.13 35.96 7.04
C LYS A 532 43.62 37.37 7.30
N HIS A 533 44.80 37.52 7.90
CA HIS A 533 45.35 38.85 8.13
C HIS A 533 46.01 39.39 6.86
N LYS A 534 46.77 38.56 6.15
CA LYS A 534 47.43 38.94 4.91
C LYS A 534 46.92 38.03 3.79
N PRO A 535 45.67 38.22 3.37
CA PRO A 535 45.09 37.31 2.37
C PRO A 535 45.77 37.38 1.02
N LYS A 536 46.45 38.48 0.71
CA LYS A 536 47.07 38.62 -0.59
C LYS A 536 48.52 38.12 -0.63
N ALA A 537 48.99 37.52 0.47
CA ALA A 537 50.36 37.02 0.48
C ALA A 537 50.53 35.92 -0.56
N THR A 538 51.70 35.89 -1.19
CA THR A 538 51.98 34.95 -2.26
C THR A 538 52.58 33.66 -1.69
N LYS A 539 52.46 32.59 -2.48
CA LYS A 539 52.96 31.29 -2.05
C LYS A 539 54.38 31.38 -1.52
N GLU A 540 55.26 32.08 -2.24
CA GLU A 540 56.65 32.19 -1.81
C GLU A 540 56.78 32.97 -0.51
N GLN A 541 56.04 34.07 -0.37
CA GLN A 541 56.08 34.83 0.86
C GLN A 541 55.60 33.97 2.03
N LEU A 542 54.48 33.27 1.84
CA LEU A 542 53.95 32.39 2.87
C LEU A 542 54.96 31.32 3.25
N LYS A 543 55.63 30.71 2.27
CA LYS A 543 56.66 29.74 2.60
C LYS A 543 57.79 30.37 3.39
N ALA A 544 58.16 31.61 3.07
CA ALA A 544 59.23 32.26 3.81
C ALA A 544 58.84 32.48 5.26
N VAL A 545 57.61 32.95 5.51
CA VAL A 545 57.19 33.15 6.89
C VAL A 545 57.12 31.81 7.62
N MET A 546 56.49 30.81 7.01
CA MET A 546 56.39 29.50 7.65
C MET A 546 57.77 28.93 7.97
N ASP A 547 58.71 29.02 7.02
CA ASP A 547 60.09 28.58 7.30
C ASP A 547 60.66 29.32 8.50
N ASP A 548 60.55 30.66 8.50
CA ASP A 548 61.01 31.42 9.65
C ASP A 548 60.38 30.92 10.95
N PHE A 549 59.07 30.66 10.94
CA PHE A 549 58.37 30.22 12.14
C PHE A 549 58.84 28.84 12.59
N ALA A 550 58.93 27.89 11.67
CA ALA A 550 59.39 26.55 12.02
C ALA A 550 60.77 26.60 12.65
N ALA A 551 61.70 27.30 12.00
CA ALA A 551 63.04 27.42 12.57
C ALA A 551 62.99 28.10 13.93
N PHE A 552 62.11 29.09 14.09
CA PHE A 552 62.00 29.80 15.37
C PHE A 552 61.53 28.86 16.48
N VAL A 553 60.60 27.97 16.15
CA VAL A 553 60.09 27.02 17.14
C VAL A 553 61.16 26.01 17.51
N GLU A 554 61.87 25.47 16.51
CA GLU A 554 62.93 24.53 16.88
C GLU A 554 64.08 25.21 17.63
N LYS A 555 64.26 26.52 17.47
CA LYS A 555 65.30 27.21 18.23
C LYS A 555 64.86 27.45 19.67
N CYS A 556 63.60 27.83 19.88
CA CYS A 556 63.14 28.14 21.23
C CYS A 556 62.76 26.90 22.03
N CYS A 557 62.48 25.77 21.37
CA CYS A 557 62.27 24.52 22.10
C CYS A 557 63.58 23.81 22.39
N LYS A 558 64.71 24.37 21.95
CA LYS A 558 66.02 23.77 22.14
C LYS A 558 66.92 24.64 23.02
N ALA A 559 66.43 25.76 23.52
CA ALA A 559 67.25 26.73 24.23
C ALA A 559 67.05 26.64 25.74
N ASP A 560 68.08 26.99 26.47
CA ASP A 560 67.96 27.10 27.90
C ASP A 560 67.04 28.32 28.10
N ASP A 561 66.24 28.35 29.15
CA ASP A 561 65.30 29.46 29.39
C ASP A 561 64.39 29.74 28.21
N LYS A 562 63.59 28.76 27.88
CA LYS A 562 62.70 28.84 26.74
C LYS A 562 61.68 29.95 26.66
N GLU A 563 61.03 30.32 27.74
CA GLU A 563 60.01 31.33 27.64
C GLU A 563 60.54 32.68 27.18
N THR A 564 61.72 33.07 27.61
CA THR A 564 62.32 34.31 27.13
C THR A 564 62.68 34.20 25.65
N CYS A 565 63.11 33.02 25.20
CA CYS A 565 63.32 32.83 23.77
C CYS A 565 62.04 33.09 23.00
N PHE A 566 60.93 32.48 23.44
CA PHE A 566 59.67 32.66 22.72
C PHE A 566 59.23 34.12 22.71
N ALA A 567 59.52 34.87 23.78
CA ALA A 567 59.06 36.26 23.81
C ALA A 567 59.96 37.17 22.97
N GLU A 568 61.29 37.03 23.11
CA GLU A 568 62.26 37.82 22.37
C GLU A 568 62.24 37.47 20.88
N GLU A 569 62.65 36.23 20.58
CA GLU A 569 62.60 35.76 19.21
C GLU A 569 61.19 35.84 18.65
N GLY A 570 60.17 35.76 19.51
CA GLY A 570 58.81 35.96 19.04
C GLY A 570 58.60 37.38 18.53
N LYS A 571 59.07 38.37 19.30
CA LYS A 571 58.97 39.75 18.84
C LYS A 571 59.70 39.94 17.52
N LYS A 572 60.91 39.36 17.40
CA LYS A 572 61.66 39.50 16.16
C LYS A 572 60.95 38.83 14.98
N LEU A 573 60.44 37.62 15.18
CA LEU A 573 59.75 36.91 14.11
C LEU A 573 58.54 37.68 13.64
N VAL A 574 57.74 38.23 14.56
CA VAL A 574 56.55 38.96 14.16
C VAL A 574 56.92 40.24 13.42
N ALA A 575 57.82 41.05 13.99
CA ALA A 575 58.22 42.28 13.30
C ALA A 575 58.73 41.97 11.89
N ALA A 576 59.68 41.05 11.78
CA ALA A 576 60.22 40.70 10.47
C ALA A 576 59.12 40.24 9.53
N SER A 577 58.19 39.41 10.02
CA SER A 577 57.14 38.88 9.16
C SER A 577 56.20 39.98 8.69
N GLN A 578 55.81 40.90 9.57
CA GLN A 578 54.99 42.03 9.13
C GLN A 578 55.72 42.85 8.07
N ALA A 579 57.04 43.05 8.24
CA ALA A 579 57.80 43.79 7.24
C ALA A 579 57.84 43.07 5.91
N ALA A 580 57.99 41.73 5.92
CA ALA A 580 58.07 40.98 4.67
C ALA A 580 56.76 41.01 3.91
N LEU A 581 55.64 41.09 4.63
CA LEU A 581 54.34 41.13 3.97
C LEU A 581 53.83 42.56 3.95
N HIS B 1 0.59 8.88 -14.40
CA HIS B 1 1.47 10.01 -14.15
C HIS B 1 1.17 11.16 -15.12
N LYS B 2 2.08 11.42 -16.06
CA LYS B 2 1.86 12.53 -16.99
C LYS B 2 0.64 12.31 -17.87
N SER B 3 0.41 11.07 -18.31
CA SER B 3 -0.74 10.76 -19.15
C SER B 3 -1.60 9.71 -18.45
N GLU B 4 -2.77 10.12 -17.99
CA GLU B 4 -3.71 9.17 -17.42
C GLU B 4 -4.28 8.27 -18.52
N VAL B 5 -4.52 8.82 -19.72
CA VAL B 5 -4.97 7.99 -20.83
C VAL B 5 -3.96 6.89 -21.11
N ALA B 6 -2.68 7.27 -21.22
CA ALA B 6 -1.65 6.29 -21.55
C ALA B 6 -1.52 5.24 -20.46
N HIS B 7 -1.57 5.66 -19.19
CA HIS B 7 -1.44 4.71 -18.08
C HIS B 7 -2.59 3.72 -18.05
N ARG B 8 -3.83 4.21 -18.24
CA ARG B 8 -4.98 3.30 -18.28
C ARG B 8 -4.89 2.36 -19.49
N PHE B 9 -4.42 2.88 -20.62
CA PHE B 9 -4.33 2.07 -21.81
C PHE B 9 -3.30 0.96 -21.63
N LYS B 10 -2.13 1.29 -21.07
CA LYS B 10 -1.13 0.24 -20.82
C LYS B 10 -1.64 -0.78 -19.82
N ASP B 11 -2.29 -0.32 -18.74
CA ASP B 11 -2.68 -1.26 -17.69
C ASP B 11 -3.84 -2.15 -18.09
N LEU B 12 -4.78 -1.64 -18.89
CA LEU B 12 -5.97 -2.39 -19.25
C LEU B 12 -5.79 -3.23 -20.51
N GLY B 13 -5.00 -2.76 -21.47
CA GLY B 13 -4.96 -3.36 -22.78
C GLY B 13 -5.95 -2.74 -23.74
N GLU B 14 -5.66 -2.88 -25.04
CA GLU B 14 -6.50 -2.22 -26.04
C GLU B 14 -7.95 -2.67 -25.96
N GLU B 15 -8.18 -3.98 -25.77
CA GLU B 15 -9.55 -4.53 -25.82
C GLU B 15 -10.37 -4.08 -24.63
N ASN B 16 -9.88 -4.33 -23.41
CA ASN B 16 -10.60 -3.86 -22.23
C ASN B 16 -10.84 -2.35 -22.31
N PHE B 17 -9.84 -1.62 -22.78
CA PHE B 17 -9.96 -0.17 -22.89
C PHE B 17 -11.13 0.21 -23.78
N LYS B 18 -11.19 -0.37 -24.98
CA LYS B 18 -12.25 -0.07 -25.93
C LYS B 18 -13.62 -0.43 -25.36
N ALA B 19 -13.72 -1.58 -24.69
CA ALA B 19 -15.01 -1.98 -24.15
C ALA B 19 -15.46 -1.04 -23.04
N LEU B 20 -14.53 -0.61 -22.19
CA LEU B 20 -14.89 0.28 -21.09
C LEU B 20 -15.24 1.67 -21.60
N VAL B 21 -14.49 2.18 -22.58
CA VAL B 21 -14.85 3.46 -23.18
C VAL B 21 -16.26 3.37 -23.75
N LEU B 22 -16.58 2.25 -24.41
CA LEU B 22 -17.93 2.09 -24.97
C LEU B 22 -18.98 2.06 -23.88
N ILE B 23 -18.76 1.30 -22.81
CA ILE B 23 -19.76 1.29 -21.75
C ILE B 23 -19.97 2.69 -21.22
N ALA B 24 -18.88 3.43 -21.00
CA ALA B 24 -18.95 4.77 -20.44
C ALA B 24 -19.80 5.70 -21.31
N PHE B 25 -19.42 5.83 -22.58
CA PHE B 25 -20.21 6.68 -23.47
C PHE B 25 -21.65 6.18 -23.56
N ALA B 26 -21.84 4.87 -23.62
CA ALA B 26 -23.18 4.30 -23.72
C ALA B 26 -24.03 4.68 -22.52
N GLN B 27 -23.41 4.83 -21.36
CA GLN B 27 -24.13 5.19 -20.14
C GLN B 27 -24.40 6.68 -20.04
N TYR B 28 -23.61 7.53 -20.70
CA TYR B 28 -23.92 8.96 -20.66
C TYR B 28 -24.77 9.43 -21.84
N LEU B 29 -24.49 8.94 -23.04
CA LEU B 29 -25.26 9.28 -24.23
C LEU B 29 -26.21 8.13 -24.55
N GLN B 30 -27.16 7.94 -23.65
CA GLN B 30 -28.05 6.78 -23.69
C GLN B 30 -28.99 6.79 -24.89
N GLN B 31 -29.04 7.87 -25.67
CA GLN B 31 -29.97 7.96 -26.79
C GLN B 31 -29.25 8.16 -28.12
N CYS B 32 -27.93 8.02 -28.16
CA CYS B 32 -27.33 8.11 -29.49
C CYS B 32 -27.22 6.71 -30.11
N PRO B 33 -27.21 6.62 -31.44
CA PRO B 33 -27.12 5.31 -32.09
C PRO B 33 -25.74 4.68 -31.91
N PHE B 34 -25.74 3.36 -31.91
CA PHE B 34 -24.51 2.60 -31.68
C PHE B 34 -23.36 3.09 -32.56
N GLU B 35 -23.63 3.37 -33.82
CA GLU B 35 -22.56 3.73 -34.73
C GLU B 35 -21.86 5.01 -34.29
N ASP B 36 -22.56 5.88 -33.55
CA ASP B 36 -21.92 7.06 -32.98
C ASP B 36 -20.91 6.68 -31.91
N HIS B 37 -21.32 5.83 -30.97
CA HIS B 37 -20.42 5.37 -29.93
C HIS B 37 -19.20 4.68 -30.51
N VAL B 38 -19.38 3.90 -31.57
CA VAL B 38 -18.20 3.26 -32.18
C VAL B 38 -17.20 4.32 -32.61
N LYS B 39 -17.67 5.41 -33.22
CA LYS B 39 -16.76 6.45 -33.66
C LYS B 39 -16.10 7.16 -32.49
N LEU B 40 -16.86 7.44 -31.43
CA LEU B 40 -16.23 8.02 -30.24
C LEU B 40 -15.13 7.10 -29.72
N VAL B 41 -15.45 5.81 -29.55
CA VAL B 41 -14.45 4.86 -29.07
C VAL B 41 -13.21 4.89 -29.94
N ASN B 42 -13.37 4.70 -31.25
CA ASN B 42 -12.19 4.63 -32.11
C ASN B 42 -11.35 5.89 -32.00
N GLU B 43 -12.00 7.06 -31.94
CA GLU B 43 -11.26 8.31 -31.80
C GLU B 43 -10.48 8.35 -30.49
N VAL B 44 -11.16 8.04 -29.39
CA VAL B 44 -10.51 8.05 -28.08
C VAL B 44 -9.35 7.07 -28.07
N THR B 45 -9.58 5.86 -28.61
CA THR B 45 -8.55 4.83 -28.65
C THR B 45 -7.34 5.29 -29.43
N GLU B 46 -7.56 5.87 -30.61
CA GLU B 46 -6.44 6.38 -31.39
C GLU B 46 -5.67 7.43 -30.61
N PHE B 47 -6.40 8.36 -29.99
CA PHE B 47 -5.73 9.33 -29.13
C PHE B 47 -4.88 8.62 -28.08
N ALA B 48 -5.46 7.63 -27.42
CA ALA B 48 -4.76 6.87 -26.41
C ALA B 48 -3.43 6.34 -26.93
N LYS B 49 -3.45 5.74 -28.14
CA LYS B 49 -2.21 5.22 -28.71
C LYS B 49 -1.19 6.33 -28.94
N THR B 50 -1.62 7.49 -29.42
CA THR B 50 -0.65 8.58 -29.55
C THR B 50 -0.02 8.90 -28.20
N CYS B 51 -0.82 8.85 -27.12
CA CYS B 51 -0.24 9.17 -25.81
C CYS B 51 0.65 8.05 -25.29
N VAL B 52 0.35 6.80 -25.64
CA VAL B 52 1.20 5.68 -25.26
C VAL B 52 2.55 5.78 -25.96
N ALA B 53 2.58 6.31 -27.18
CA ALA B 53 3.86 6.44 -27.87
C ALA B 53 4.67 7.61 -27.34
N ASP B 54 4.00 8.65 -26.82
CA ASP B 54 4.70 9.81 -26.29
C ASP B 54 3.76 10.54 -25.33
N GLU B 55 4.03 10.41 -24.02
CA GLU B 55 3.16 11.03 -23.03
C GLU B 55 3.24 12.56 -23.05
N SER B 56 4.13 13.14 -23.83
CA SER B 56 4.22 14.59 -23.96
C SER B 56 3.42 15.14 -25.13
N ALA B 57 2.88 14.28 -25.99
CA ALA B 57 2.08 14.77 -27.11
C ALA B 57 0.90 15.59 -26.59
N GLU B 58 0.44 16.53 -27.42
CA GLU B 58 -0.58 17.49 -27.02
C GLU B 58 -1.81 16.77 -26.46
N ASN B 59 -2.35 17.33 -25.38
CA ASN B 59 -3.58 16.93 -24.71
C ASN B 59 -3.39 15.67 -23.86
N CYS B 60 -2.25 14.97 -23.97
CA CYS B 60 -2.05 13.74 -23.21
C CYS B 60 -1.91 14.04 -21.72
N ASP B 61 -1.47 15.24 -21.37
CA ASP B 61 -1.37 15.66 -19.97
C ASP B 61 -2.73 15.94 -19.34
N LYS B 62 -3.80 16.05 -20.12
CA LYS B 62 -5.10 16.33 -19.54
C LYS B 62 -5.58 15.15 -18.69
N SER B 63 -6.46 15.45 -17.75
CA SER B 63 -7.02 14.41 -16.91
C SER B 63 -8.11 13.63 -17.66
N LEU B 64 -8.47 12.47 -17.11
CA LEU B 64 -9.48 11.64 -17.76
C LEU B 64 -10.81 12.36 -17.82
N HIS B 65 -11.21 13.00 -16.73
CA HIS B 65 -12.51 13.68 -16.71
C HIS B 65 -12.57 14.79 -17.76
N THR B 66 -11.47 15.50 -17.97
CA THR B 66 -11.47 16.56 -18.97
C THR B 66 -11.61 15.98 -20.39
N LEU B 67 -10.84 14.95 -20.72
CA LEU B 67 -10.96 14.36 -22.06
C LEU B 67 -12.36 13.80 -22.29
N PHE B 68 -12.90 13.08 -21.31
CA PHE B 68 -14.24 12.53 -21.45
C PHE B 68 -15.27 13.65 -21.65
N GLY B 69 -15.22 14.67 -20.80
CA GLY B 69 -16.15 15.78 -20.96
C GLY B 69 -16.02 16.46 -22.31
N ASP B 70 -14.79 16.61 -22.80
CA ASP B 70 -14.61 17.18 -24.14
C ASP B 70 -15.28 16.33 -25.20
N LYS B 71 -15.13 15.01 -25.13
CA LYS B 71 -15.75 14.16 -26.13
C LYS B 71 -17.27 14.24 -26.04
N LEU B 72 -17.81 14.30 -24.82
CA LEU B 72 -19.25 14.51 -24.68
C LEU B 72 -19.68 15.81 -25.35
N CYS B 73 -18.97 16.90 -25.09
CA CYS B 73 -19.34 18.19 -25.65
C CYS B 73 -18.98 18.34 -27.11
N THR B 74 -18.40 17.31 -27.74
CA THR B 74 -18.19 17.35 -29.18
C THR B 74 -19.39 16.86 -29.97
N VAL B 75 -20.32 16.14 -29.33
CA VAL B 75 -21.53 15.68 -30.02
C VAL B 75 -22.37 16.89 -30.44
N ALA B 76 -22.55 17.06 -31.75
CA ALA B 76 -23.23 18.23 -32.28
C ALA B 76 -24.73 18.24 -31.94
N THR B 77 -25.36 17.07 -31.86
CA THR B 77 -26.78 16.98 -31.55
C THR B 77 -27.06 16.96 -30.05
N LEU B 78 -26.11 17.39 -29.23
CA LEU B 78 -26.24 17.23 -27.79
C LEU B 78 -27.49 17.94 -27.26
N ARG B 79 -27.70 19.21 -27.65
CA ARG B 79 -28.82 19.96 -27.12
C ARG B 79 -30.15 19.45 -27.66
N GLU B 80 -30.21 19.08 -28.94
CA GLU B 80 -31.46 18.58 -29.51
C GLU B 80 -31.90 17.30 -28.81
N THR B 81 -30.96 16.42 -28.49
CA THR B 81 -31.32 15.10 -27.99
C THR B 81 -31.39 15.03 -26.47
N TYR B 82 -30.63 15.85 -25.76
CA TYR B 82 -30.58 15.75 -24.30
C TYR B 82 -30.94 17.02 -23.56
N GLY B 83 -31.05 18.17 -24.25
CA GLY B 83 -31.49 19.37 -23.59
C GLY B 83 -30.56 19.85 -22.48
N GLU B 84 -31.02 19.75 -21.22
CA GLU B 84 -30.27 20.31 -20.09
C GLU B 84 -28.82 19.86 -20.11
N MET B 85 -28.58 18.57 -20.38
CA MET B 85 -27.24 18.03 -20.33
C MET B 85 -26.26 18.84 -21.15
N ALA B 86 -26.72 19.39 -22.27
CA ALA B 86 -25.86 20.24 -23.08
C ALA B 86 -25.42 21.48 -22.33
N ASP B 87 -26.19 21.93 -21.33
CA ASP B 87 -25.78 23.10 -20.55
C ASP B 87 -24.55 22.82 -19.71
N CYS B 88 -24.34 21.55 -19.32
CA CYS B 88 -23.14 21.19 -18.55
C CYS B 88 -21.87 21.64 -19.26
N CYS B 89 -21.91 21.77 -20.59
CA CYS B 89 -20.71 22.11 -21.33
C CYS B 89 -20.25 23.52 -21.09
N ALA B 90 -21.09 24.37 -20.48
CA ALA B 90 -20.68 25.73 -20.16
C ALA B 90 -19.92 25.82 -18.84
N LYS B 91 -19.89 24.75 -18.04
CA LYS B 91 -19.18 24.75 -16.78
C LYS B 91 -17.75 24.24 -16.96
N GLN B 92 -16.89 24.57 -16.01
CA GLN B 92 -15.52 24.08 -15.99
C GLN B 92 -15.45 22.72 -15.30
N GLU B 93 -14.33 22.03 -15.53
CA GLU B 93 -14.34 20.57 -15.41
C GLU B 93 -14.86 20.05 -14.08
N PRO B 94 -14.42 20.56 -12.91
CA PRO B 94 -14.91 19.97 -11.66
C PRO B 94 -16.44 19.98 -11.58
N GLU B 95 -17.06 21.07 -12.02
CA GLU B 95 -18.52 21.13 -12.04
C GLU B 95 -19.10 20.39 -13.24
N ARG B 96 -18.38 20.37 -14.36
CA ARG B 96 -18.90 19.72 -15.55
C ARG B 96 -19.12 18.24 -15.32
N ASN B 97 -18.14 17.55 -14.76
CA ASN B 97 -18.29 16.11 -14.57
C ASN B 97 -19.50 15.82 -13.67
N GLU B 98 -19.63 16.56 -12.56
CA GLU B 98 -20.76 16.36 -11.67
C GLU B 98 -22.09 16.63 -12.37
N CYS B 99 -22.14 17.70 -13.16
CA CYS B 99 -23.35 18.01 -13.90
C CYS B 99 -23.71 16.88 -14.85
N PHE B 100 -22.74 16.39 -15.62
CA PHE B 100 -23.01 15.23 -16.47
C PHE B 100 -23.54 14.08 -15.65
N LEU B 101 -22.95 13.83 -14.48
CA LEU B 101 -23.41 12.74 -13.63
C LEU B 101 -24.89 12.87 -13.31
N GLN B 102 -25.33 14.06 -12.87
CA GLN B 102 -26.72 14.20 -12.43
C GLN B 102 -27.72 13.94 -13.55
N HIS B 103 -27.39 14.30 -14.79
CA HIS B 103 -28.34 14.20 -15.89
C HIS B 103 -28.40 12.82 -16.53
N LYS B 104 -27.74 11.82 -15.94
CA LYS B 104 -27.96 10.45 -16.38
C LYS B 104 -29.40 10.07 -16.06
N ASP B 105 -30.08 9.50 -17.05
CA ASP B 105 -31.49 9.12 -16.91
C ASP B 105 -31.54 7.66 -16.47
N ASP B 106 -31.78 7.44 -15.17
CA ASP B 106 -31.94 6.09 -14.68
C ASP B 106 -33.27 5.51 -15.19
N ASN B 107 -33.20 4.35 -15.80
CA ASN B 107 -34.39 3.75 -16.38
C ASN B 107 -34.99 4.70 -17.42
N PRO B 108 -34.36 4.81 -18.59
CA PRO B 108 -34.98 5.55 -19.69
C PRO B 108 -36.06 4.71 -20.35
N ASN B 109 -36.93 5.40 -21.09
CA ASN B 109 -38.00 4.72 -21.82
C ASN B 109 -37.44 4.21 -23.13
N LEU B 110 -36.92 2.97 -23.09
CA LEU B 110 -36.42 2.25 -24.24
C LEU B 110 -37.17 0.93 -24.36
N PRO B 111 -37.46 0.48 -25.58
CA PRO B 111 -38.19 -0.78 -25.75
C PRO B 111 -37.45 -1.94 -25.10
N ARG B 112 -38.21 -2.90 -24.57
CA ARG B 112 -37.61 -4.07 -23.94
C ARG B 112 -36.72 -4.80 -24.94
N LEU B 113 -35.52 -5.17 -24.48
CA LEU B 113 -34.60 -5.91 -25.34
C LEU B 113 -35.17 -7.30 -25.62
N VAL B 114 -35.43 -7.59 -26.88
CA VAL B 114 -35.97 -8.90 -27.26
C VAL B 114 -34.81 -9.85 -27.50
N ARG B 115 -34.87 -11.00 -26.86
CA ARG B 115 -33.92 -12.06 -27.11
C ARG B 115 -34.26 -12.69 -28.45
N PRO B 116 -33.46 -12.47 -29.52
CA PRO B 116 -33.75 -13.07 -30.82
C PRO B 116 -33.73 -14.60 -30.81
N GLU B 117 -33.96 -15.19 -31.97
CA GLU B 117 -33.91 -16.64 -32.10
C GLU B 117 -32.47 -17.15 -31.99
N VAL B 118 -32.33 -18.37 -31.46
CA VAL B 118 -31.00 -18.93 -31.25
C VAL B 118 -30.22 -18.98 -32.55
N ASP B 119 -30.87 -19.33 -33.65
CA ASP B 119 -30.18 -19.40 -34.94
C ASP B 119 -29.76 -18.03 -35.41
N VAL B 120 -30.59 -17.02 -35.14
CA VAL B 120 -30.24 -15.65 -35.50
C VAL B 120 -29.03 -15.19 -34.71
N MET B 121 -29.03 -15.45 -33.39
CA MET B 121 -27.90 -15.04 -32.57
C MET B 121 -26.63 -15.73 -33.01
N CYS B 122 -26.68 -17.05 -33.19
CA CYS B 122 -25.48 -17.77 -33.59
C CYS B 122 -25.00 -17.31 -34.97
N THR B 123 -25.92 -17.01 -35.88
CA THR B 123 -25.50 -16.55 -37.20
C THR B 123 -24.83 -15.19 -37.12
N ALA B 124 -25.42 -14.24 -36.40
CA ALA B 124 -24.81 -12.92 -36.27
C ALA B 124 -23.46 -13.03 -35.58
N PHE B 125 -23.40 -13.80 -34.49
CA PHE B 125 -22.17 -14.01 -33.73
C PHE B 125 -21.07 -14.60 -34.60
N HIS B 126 -21.40 -15.56 -35.46
CA HIS B 126 -20.39 -16.16 -36.31
C HIS B 126 -19.97 -15.22 -37.44
N ASP B 127 -20.93 -14.57 -38.08
CA ASP B 127 -20.64 -13.73 -39.24
C ASP B 127 -20.02 -12.39 -38.85
N ASN B 128 -20.22 -11.94 -37.62
CA ASN B 128 -19.65 -10.67 -37.19
C ASN B 128 -19.59 -10.61 -35.67
N GLU B 129 -18.58 -11.25 -35.09
CA GLU B 129 -18.57 -11.49 -33.64
C GLU B 129 -18.52 -10.18 -32.86
N GLU B 130 -17.60 -9.29 -33.21
CA GLU B 130 -17.39 -8.12 -32.37
C GLU B 130 -18.55 -7.14 -32.47
N THR B 131 -19.11 -6.93 -33.66
CA THR B 131 -20.26 -6.04 -33.74
C THR B 131 -21.47 -6.65 -33.03
N PHE B 132 -21.63 -7.97 -33.09
CA PHE B 132 -22.73 -8.61 -32.36
C PHE B 132 -22.58 -8.41 -30.85
N LEU B 133 -21.39 -8.70 -30.33
CA LEU B 133 -21.20 -8.59 -28.89
C LEU B 133 -21.18 -7.14 -28.43
N LYS B 134 -20.48 -6.26 -29.16
CA LYS B 134 -20.40 -4.86 -28.74
C LYS B 134 -21.74 -4.17 -28.86
N LYS B 135 -22.49 -4.45 -29.93
CA LYS B 135 -23.83 -3.86 -30.03
C LYS B 135 -24.67 -4.28 -28.84
N TYR B 136 -24.62 -5.56 -28.47
CA TYR B 136 -25.40 -5.98 -27.30
C TYR B 136 -24.86 -5.34 -26.01
N LEU B 137 -23.55 -5.19 -25.91
CA LEU B 137 -22.96 -4.53 -24.76
C LEU B 137 -23.44 -3.09 -24.64
N TYR B 138 -23.62 -2.41 -25.76
CA TYR B 138 -24.17 -1.06 -25.75
C TYR B 138 -25.64 -1.06 -25.36
N GLU B 139 -26.43 -1.98 -25.93
CA GLU B 139 -27.84 -2.07 -25.58
C GLU B 139 -28.02 -2.31 -24.08
N ILE B 140 -27.10 -3.06 -23.47
CA ILE B 140 -27.18 -3.33 -22.03
C ILE B 140 -26.71 -2.11 -21.25
N ALA B 141 -25.57 -1.53 -21.65
CA ALA B 141 -24.99 -0.42 -20.90
C ALA B 141 -25.93 0.79 -20.88
N ARG B 142 -26.53 1.11 -22.03
CA ARG B 142 -27.42 2.28 -22.11
C ARG B 142 -28.64 2.13 -21.22
N ARG B 143 -29.03 0.91 -20.86
CA ARG B 143 -30.17 0.71 -19.97
C ARG B 143 -29.76 0.59 -18.51
N HIS B 144 -28.48 0.77 -18.18
CA HIS B 144 -28.02 0.74 -16.79
C HIS B 144 -26.91 1.77 -16.61
N PRO B 145 -27.24 3.05 -16.78
CA PRO B 145 -26.19 4.09 -16.68
C PRO B 145 -25.45 4.08 -15.35
N TYR B 146 -26.02 3.48 -14.30
CA TYR B 146 -25.38 3.45 -12.98
C TYR B 146 -24.82 2.08 -12.63
N PHE B 147 -24.86 1.13 -13.55
CA PHE B 147 -24.26 -0.17 -13.29
C PHE B 147 -22.75 -0.08 -13.46
N TYR B 148 -22.01 -0.62 -12.49
CA TYR B 148 -20.56 -0.50 -12.50
C TYR B 148 -19.96 -1.15 -13.75
N ALA B 149 -19.23 -0.35 -14.52
CA ALA B 149 -18.74 -0.73 -15.85
C ALA B 149 -17.93 -2.02 -15.85
N PRO B 150 -16.86 -2.12 -15.05
CA PRO B 150 -16.03 -3.34 -15.13
C PRO B 150 -16.82 -4.62 -14.88
N GLU B 151 -17.80 -4.58 -13.99
CA GLU B 151 -18.61 -5.77 -13.75
C GLU B 151 -19.48 -6.08 -14.97
N LEU B 152 -19.95 -5.04 -15.66
CA LEU B 152 -20.67 -5.25 -16.92
C LEU B 152 -19.78 -5.94 -17.94
N LEU B 153 -18.50 -5.56 -17.97
CA LEU B 153 -17.55 -6.22 -18.86
C LEU B 153 -17.35 -7.68 -18.45
N PHE B 154 -17.31 -7.93 -17.14
CA PHE B 154 -17.21 -9.29 -16.64
C PHE B 154 -18.41 -10.13 -17.09
N PHE B 155 -19.61 -9.55 -17.12
CA PHE B 155 -20.74 -10.28 -17.70
C PHE B 155 -20.54 -10.52 -19.19
N ALA B 156 -20.12 -9.49 -19.92
CA ALA B 156 -19.95 -9.60 -21.36
C ALA B 156 -19.05 -10.78 -21.74
N LYS B 157 -17.92 -10.93 -21.04
CA LYS B 157 -17.02 -12.05 -21.38
C LYS B 157 -17.69 -13.40 -21.17
N ARG B 158 -18.56 -13.49 -20.15
CA ARG B 158 -19.31 -14.72 -19.92
C ARG B 158 -20.33 -14.97 -21.03
N TYR B 159 -20.92 -13.90 -21.56
CA TYR B 159 -21.76 -14.08 -22.73
C TYR B 159 -20.95 -14.61 -23.91
N LYS B 160 -19.78 -14.03 -24.14
CA LYS B 160 -18.93 -14.52 -25.22
C LYS B 160 -18.60 -15.98 -25.05
N ALA B 161 -18.36 -16.43 -23.82
CA ALA B 161 -18.08 -17.85 -23.60
C ALA B 161 -19.32 -18.69 -23.89
N ALA B 162 -20.50 -18.20 -23.48
CA ALA B 162 -21.74 -18.94 -23.73
C ALA B 162 -21.96 -19.13 -25.23
N PHE B 163 -21.76 -18.09 -26.03
CA PHE B 163 -21.99 -18.26 -27.45
C PHE B 163 -20.89 -19.12 -28.08
N THR B 164 -19.63 -18.85 -27.73
CA THR B 164 -18.55 -19.63 -28.31
C THR B 164 -18.77 -21.12 -28.10
N GLU B 165 -19.31 -21.50 -26.94
CA GLU B 165 -19.56 -22.91 -26.69
C GLU B 165 -20.82 -23.41 -27.39
N CYS B 166 -21.95 -22.72 -27.19
CA CYS B 166 -23.23 -23.28 -27.61
C CYS B 166 -23.42 -23.23 -29.12
N CYS B 167 -22.88 -22.23 -29.80
CA CYS B 167 -23.14 -22.16 -31.23
C CYS B 167 -22.40 -23.22 -32.04
N GLN B 168 -21.58 -24.07 -31.39
CA GLN B 168 -21.01 -25.23 -32.03
C GLN B 168 -21.74 -26.51 -31.68
N ALA B 169 -22.66 -26.46 -30.72
CA ALA B 169 -23.38 -27.64 -30.26
C ALA B 169 -24.46 -28.06 -31.25
N ALA B 170 -24.84 -29.34 -31.17
CA ALA B 170 -25.91 -29.85 -32.03
C ALA B 170 -27.25 -29.24 -31.65
N ASP B 171 -27.62 -29.34 -30.37
CA ASP B 171 -28.84 -28.72 -29.85
C ASP B 171 -28.45 -27.38 -29.22
N LYS B 172 -28.27 -26.36 -30.08
CA LYS B 172 -27.81 -25.06 -29.62
C LYS B 172 -28.68 -24.54 -28.48
N ALA B 173 -30.00 -24.46 -28.71
CA ALA B 173 -30.90 -23.84 -27.74
C ALA B 173 -30.79 -24.48 -26.36
N ALA B 174 -30.75 -25.82 -26.31
CA ALA B 174 -30.63 -26.49 -25.02
C ALA B 174 -29.35 -26.11 -24.31
N CYS B 175 -28.32 -25.73 -25.07
CA CYS B 175 -27.07 -25.28 -24.46
C CYS B 175 -27.19 -23.82 -24.03
N LEU B 176 -27.61 -22.95 -24.94
CA LEU B 176 -27.52 -21.51 -24.74
C LEU B 176 -28.62 -20.99 -23.82
N LEU B 177 -29.89 -21.28 -24.14
CA LEU B 177 -30.99 -20.67 -23.40
C LEU B 177 -30.83 -20.77 -21.89
N PRO B 178 -30.49 -21.92 -21.30
CA PRO B 178 -30.25 -21.93 -19.84
C PRO B 178 -29.12 -21.00 -19.41
N LYS B 179 -28.07 -20.86 -20.23
CA LYS B 179 -26.98 -19.96 -19.90
C LYS B 179 -27.42 -18.50 -20.01
N LEU B 180 -28.12 -18.14 -21.09
CA LEU B 180 -28.64 -16.79 -21.20
C LEU B 180 -29.57 -16.48 -20.03
N ASP B 181 -30.34 -17.49 -19.60
CA ASP B 181 -31.22 -17.31 -18.45
C ASP B 181 -30.40 -17.08 -17.17
N GLU B 182 -29.35 -17.86 -16.95
CA GLU B 182 -28.52 -17.63 -15.77
C GLU B 182 -27.94 -16.23 -15.77
N LEU B 183 -27.36 -15.81 -16.91
CA LEU B 183 -26.76 -14.48 -16.98
C LEU B 183 -27.79 -13.38 -16.72
N ARG B 184 -28.97 -13.49 -17.34
CA ARG B 184 -30.02 -12.51 -17.07
C ARG B 184 -30.37 -12.45 -15.58
N ASP B 185 -30.51 -13.62 -14.94
CA ASP B 185 -30.89 -13.64 -13.53
C ASP B 185 -29.82 -12.98 -12.65
N GLU B 186 -28.56 -13.40 -12.79
CA GLU B 186 -27.50 -12.79 -12.01
C GLU B 186 -27.36 -11.31 -12.33
N GLY B 187 -27.68 -10.92 -13.56
CA GLY B 187 -27.59 -9.53 -13.94
C GLY B 187 -28.59 -8.66 -13.19
N LYS B 188 -29.87 -9.06 -13.21
CA LYS B 188 -30.86 -8.26 -12.49
C LYS B 188 -30.62 -8.33 -10.98
N ALA B 189 -30.19 -9.50 -10.49
CA ALA B 189 -29.86 -9.62 -9.07
C ALA B 189 -28.81 -8.60 -8.66
N SER B 190 -27.65 -8.62 -9.33
CA SER B 190 -26.59 -7.67 -9.02
C SER B 190 -27.06 -6.23 -9.17
N SER B 191 -27.66 -5.93 -10.32
CA SER B 191 -28.11 -4.57 -10.59
C SER B 191 -29.08 -4.07 -9.54
N ALA B 192 -29.80 -4.98 -8.86
CA ALA B 192 -30.64 -4.55 -7.76
C ALA B 192 -29.90 -4.49 -6.43
N LYS B 193 -28.93 -5.38 -6.20
CA LYS B 193 -28.11 -5.30 -5.00
C LYS B 193 -27.44 -3.94 -4.89
N GLN B 194 -26.91 -3.43 -6.01
CA GLN B 194 -26.25 -2.13 -5.97
C GLN B 194 -27.19 -1.06 -5.42
N ARG B 195 -28.35 -0.88 -6.08
CA ARG B 195 -29.30 0.13 -5.65
C ARG B 195 -29.74 -0.09 -4.21
N LEU B 196 -29.95 -1.34 -3.81
CA LEU B 196 -30.39 -1.62 -2.46
C LEU B 196 -29.36 -1.14 -1.44
N LYS B 197 -28.10 -1.56 -1.60
CA LYS B 197 -27.10 -1.20 -0.62
C LYS B 197 -26.82 0.29 -0.60
N CYS B 198 -26.96 0.98 -1.72
CA CYS B 198 -26.78 2.43 -1.67
C CYS B 198 -27.95 3.10 -0.95
N ALA B 199 -29.19 2.63 -1.19
CA ALA B 199 -30.34 3.18 -0.48
C ALA B 199 -30.26 2.91 1.01
N SER B 200 -29.63 1.80 1.42
CA SER B 200 -29.40 1.56 2.83
C SER B 200 -28.32 2.49 3.36
N LEU B 201 -27.28 2.70 2.58
CA LEU B 201 -26.25 3.64 3.01
C LEU B 201 -26.84 5.01 3.26
N GLN B 202 -27.86 5.39 2.49
CA GLN B 202 -28.48 6.71 2.66
C GLN B 202 -29.52 6.72 3.78
N LYS B 203 -30.32 5.67 3.91
CA LYS B 203 -31.39 5.72 4.90
C LYS B 203 -30.87 5.50 6.32
N PHE B 204 -29.93 4.57 6.51
CA PHE B 204 -29.54 4.15 7.84
C PHE B 204 -28.15 4.60 8.25
N GLY B 205 -27.41 5.26 7.36
CA GLY B 205 -26.15 5.87 7.75
C GLY B 205 -24.98 4.91 7.78
N GLU B 206 -23.79 5.50 7.94
CA GLU B 206 -22.53 4.78 7.82
C GLU B 206 -22.37 3.69 8.88
N ARG B 207 -22.88 3.93 10.09
CA ARG B 207 -22.66 3.01 11.21
C ARG B 207 -23.20 1.62 10.89
N ALA B 208 -24.47 1.54 10.49
CA ALA B 208 -25.10 0.25 10.21
C ALA B 208 -24.35 -0.48 9.10
N PHE B 209 -23.94 0.24 8.06
CA PHE B 209 -23.16 -0.40 7.02
C PHE B 209 -21.83 -0.91 7.57
N LYS B 210 -21.17 -0.11 8.42
CA LYS B 210 -19.95 -0.56 9.09
C LYS B 210 -20.19 -1.87 9.83
N ALA B 211 -21.30 -1.95 10.56
CA ALA B 211 -21.64 -3.19 11.26
C ALA B 211 -21.65 -4.36 10.29
N TRP B 212 -22.39 -4.19 9.19
CA TRP B 212 -22.49 -5.25 8.20
C TRP B 212 -21.12 -5.68 7.71
N ALA B 213 -20.29 -4.71 7.32
CA ALA B 213 -18.98 -5.03 6.77
C ALA B 213 -18.10 -5.75 7.78
N VAL B 214 -18.19 -5.37 9.06
CA VAL B 214 -17.45 -6.09 10.09
C VAL B 214 -17.85 -7.55 10.11
N ALA B 215 -19.16 -7.83 10.13
CA ALA B 215 -19.58 -9.22 10.18
C ALA B 215 -19.09 -10.00 8.95
N ARG B 216 -19.36 -9.48 7.74
CA ARG B 216 -19.01 -10.23 6.53
C ARG B 216 -17.49 -10.36 6.37
N LEU B 217 -16.75 -9.28 6.60
CA LEU B 217 -15.29 -9.33 6.53
C LEU B 217 -14.69 -10.26 7.57
N SER B 218 -15.39 -10.46 8.70
CA SER B 218 -14.86 -11.35 9.71
C SER B 218 -15.11 -12.81 9.33
N GLN B 219 -16.29 -13.13 8.80
CA GLN B 219 -16.47 -14.48 8.29
C GLN B 219 -15.50 -14.78 7.16
N ARG B 220 -15.13 -13.75 6.39
CA ARG B 220 -14.23 -13.99 5.27
C ARG B 220 -12.77 -14.10 5.71
N PHE B 221 -12.34 -13.35 6.72
CA PHE B 221 -10.92 -13.25 7.09
C PHE B 221 -10.71 -13.56 8.57
N PRO B 222 -11.07 -14.76 9.01
CA PRO B 222 -11.05 -15.03 10.46
C PRO B 222 -9.66 -15.02 11.08
N LYS B 223 -8.60 -15.30 10.32
CA LYS B 223 -7.23 -15.29 10.85
C LYS B 223 -6.64 -13.88 11.00
N ALA B 224 -7.34 -12.86 10.54
CA ALA B 224 -6.86 -11.49 10.67
C ALA B 224 -7.18 -10.94 12.05
N GLU B 225 -6.31 -10.05 12.53
CA GLU B 225 -6.54 -9.40 13.82
C GLU B 225 -7.56 -8.28 13.65
N PHE B 226 -8.18 -7.90 14.77
CA PHE B 226 -9.27 -6.94 14.69
C PHE B 226 -8.83 -5.62 14.05
N ALA B 227 -7.67 -5.10 14.46
CA ALA B 227 -7.22 -3.82 13.92
C ALA B 227 -7.21 -3.84 12.40
N GLU B 228 -6.93 -5.01 11.80
CA GLU B 228 -6.88 -5.15 10.36
C GLU B 228 -8.28 -5.19 9.75
N VAL B 229 -9.17 -5.99 10.34
CA VAL B 229 -10.56 -6.01 9.90
C VAL B 229 -11.16 -4.62 9.96
N SER B 230 -10.82 -3.87 11.01
CA SER B 230 -11.34 -2.51 11.17
C SER B 230 -10.78 -1.58 10.10
N LYS B 231 -9.48 -1.67 9.84
CA LYS B 231 -8.91 -0.89 8.75
C LYS B 231 -9.64 -1.16 7.44
N LEU B 232 -9.89 -2.45 7.15
CA LEU B 232 -10.59 -2.82 5.92
C LEU B 232 -12.04 -2.33 5.92
N VAL B 233 -12.69 -2.28 7.07
CA VAL B 233 -14.07 -1.80 7.14
C VAL B 233 -14.11 -0.31 6.83
N THR B 234 -13.23 0.47 7.46
CA THR B 234 -13.20 1.89 7.15
C THR B 234 -12.97 2.11 5.65
N ASP B 235 -11.93 1.47 5.10
CA ASP B 235 -11.64 1.67 3.68
C ASP B 235 -12.79 1.20 2.78
N LEU B 236 -13.39 0.06 3.12
CA LEU B 236 -14.47 -0.50 2.33
C LEU B 236 -15.72 0.39 2.37
N THR B 237 -15.99 0.99 3.54
CA THR B 237 -17.08 1.96 3.63
C THR B 237 -16.80 3.16 2.75
N LYS B 238 -15.56 3.64 2.74
CA LYS B 238 -15.24 4.71 1.80
C LYS B 238 -15.51 4.28 0.37
N VAL B 239 -15.06 3.07 0.00
CA VAL B 239 -15.30 2.55 -1.35
C VAL B 239 -16.79 2.58 -1.66
N HIS B 240 -17.62 2.04 -0.77
CA HIS B 240 -19.04 1.95 -1.03
C HIS B 240 -19.67 3.33 -1.20
N THR B 241 -19.31 4.27 -0.32
CA THR B 241 -19.88 5.61 -0.44
C THR B 241 -19.53 6.22 -1.79
N GLU B 242 -18.24 6.23 -2.14
CA GLU B 242 -17.84 6.87 -3.39
C GLU B 242 -18.48 6.17 -4.60
N CYS B 243 -18.52 4.83 -4.60
CA CYS B 243 -19.15 4.12 -5.72
C CYS B 243 -20.65 4.39 -5.78
N CYS B 244 -21.29 4.60 -4.64
CA CYS B 244 -22.71 4.99 -4.65
C CYS B 244 -22.90 6.42 -5.15
N HIS B 245 -21.87 7.26 -5.07
CA HIS B 245 -22.02 8.60 -5.65
C HIS B 245 -22.10 8.54 -7.17
N GLY B 246 -21.31 7.69 -7.81
CA GLY B 246 -21.49 7.47 -9.25
C GLY B 246 -20.28 7.61 -10.16
N ASP B 247 -19.25 8.34 -9.74
CA ASP B 247 -18.09 8.57 -10.59
C ASP B 247 -17.35 7.26 -10.85
N LEU B 248 -17.27 6.86 -12.13
CA LEU B 248 -16.62 5.60 -12.47
C LEU B 248 -15.15 5.58 -12.04
N LEU B 249 -14.39 6.63 -12.39
CA LEU B 249 -12.94 6.61 -12.14
C LEU B 249 -12.63 6.62 -10.65
N GLU B 250 -13.34 7.45 -9.88
CA GLU B 250 -13.12 7.48 -8.44
C GLU B 250 -13.39 6.13 -7.81
N CYS B 251 -14.53 5.52 -8.18
CA CYS B 251 -14.90 4.22 -7.64
C CYS B 251 -13.87 3.16 -8.01
N ALA B 252 -13.41 3.19 -9.27
CA ALA B 252 -12.42 2.22 -9.72
C ALA B 252 -11.11 2.39 -8.96
N ASP B 253 -10.63 3.62 -8.82
CA ASP B 253 -9.37 3.83 -8.11
C ASP B 253 -9.48 3.40 -6.66
N ASP B 254 -10.64 3.63 -6.03
CA ASP B 254 -10.80 3.20 -4.65
C ASP B 254 -10.75 1.67 -4.54
N ARG B 255 -11.50 0.97 -5.39
CA ARG B 255 -11.48 -0.49 -5.29
C ARG B 255 -10.10 -1.05 -5.63
N ALA B 256 -9.46 -0.48 -6.65
CA ALA B 256 -8.11 -0.93 -7.03
C ALA B 256 -7.13 -0.72 -5.89
N ASP B 257 -7.20 0.44 -5.22
CA ASP B 257 -6.32 0.70 -4.08
C ASP B 257 -6.55 -0.32 -2.98
N LEU B 258 -7.81 -0.53 -2.62
CA LEU B 258 -8.10 -1.51 -1.57
C LEU B 258 -7.55 -2.88 -1.93
N ALA B 259 -7.74 -3.30 -3.20
CA ALA B 259 -7.21 -4.56 -3.67
C ALA B 259 -5.69 -4.63 -3.53
N LYS B 260 -4.99 -3.56 -3.92
CA LYS B 260 -3.55 -3.52 -3.76
C LYS B 260 -3.16 -3.74 -2.32
N TYR B 261 -3.83 -3.01 -1.41
CA TYR B 261 -3.51 -3.15 0.02
C TYR B 261 -3.74 -4.59 0.48
N ILE B 262 -4.90 -5.16 0.15
CA ILE B 262 -5.19 -6.51 0.59
C ILE B 262 -4.16 -7.48 0.05
N CYS B 263 -3.62 -7.23 -1.14
CA CYS B 263 -2.68 -8.17 -1.75
C CYS B 263 -1.26 -7.99 -1.22
N GLU B 264 -0.93 -6.81 -0.70
CA GLU B 264 0.36 -6.64 -0.07
C GLU B 264 0.39 -7.11 1.38
N ASN B 265 -0.78 -7.34 1.97
CA ASN B 265 -0.88 -7.77 3.36
C ASN B 265 -1.61 -9.10 3.48
N GLN B 266 -1.37 -10.01 2.54
CA GLN B 266 -2.05 -11.29 2.54
C GLN B 266 -1.86 -12.03 3.86
N ASP B 267 -0.62 -12.07 4.35
CA ASP B 267 -0.33 -12.81 5.58
C ASP B 267 -1.14 -12.31 6.77
N SER B 268 -1.54 -11.05 6.74
CA SER B 268 -2.32 -10.45 7.81
C SER B 268 -3.83 -10.68 7.63
N ILE B 269 -4.25 -11.28 6.51
CA ILE B 269 -5.66 -11.28 6.11
C ILE B 269 -6.14 -12.67 5.74
N SER B 270 -5.58 -13.26 4.68
CA SER B 270 -6.08 -14.55 4.22
C SER B 270 -5.02 -15.25 3.37
N SER B 271 -5.11 -16.57 3.33
CA SER B 271 -4.22 -17.41 2.55
C SER B 271 -4.87 -17.93 1.28
N LYS B 272 -6.13 -17.59 1.04
CA LYS B 272 -6.84 -17.97 -0.17
C LYS B 272 -6.86 -16.86 -1.20
N LEU B 273 -6.02 -15.83 -1.04
CA LEU B 273 -5.92 -14.74 -1.98
C LEU B 273 -4.76 -14.92 -2.95
N LYS B 274 -4.11 -16.08 -2.92
CA LYS B 274 -2.91 -16.27 -3.72
C LYS B 274 -3.17 -15.99 -5.19
N GLU B 275 -4.17 -16.66 -5.77
CA GLU B 275 -4.39 -16.53 -7.20
C GLU B 275 -5.02 -15.18 -7.55
N CYS B 276 -6.00 -14.74 -6.77
CA CYS B 276 -6.63 -13.45 -7.03
C CYS B 276 -5.60 -12.34 -7.18
N CYS B 277 -4.61 -12.33 -6.29
CA CYS B 277 -3.63 -11.24 -6.23
C CYS B 277 -2.62 -11.25 -7.36
N GLU B 278 -2.59 -12.32 -8.15
CA GLU B 278 -1.77 -12.35 -9.35
C GLU B 278 -2.55 -11.95 -10.60
N LYS B 279 -3.88 -11.86 -10.51
CA LYS B 279 -4.68 -11.46 -11.66
C LYS B 279 -4.49 -9.98 -11.95
N PRO B 280 -4.71 -9.56 -13.20
CA PRO B 280 -4.47 -8.16 -13.58
C PRO B 280 -5.43 -7.20 -12.87
N LEU B 281 -5.03 -5.92 -12.84
CA LEU B 281 -5.73 -4.93 -12.02
C LEU B 281 -7.22 -4.89 -12.31
N LEU B 282 -7.61 -5.06 -13.56
CA LEU B 282 -9.04 -4.98 -13.91
C LEU B 282 -9.86 -6.00 -13.14
N GLU B 283 -9.31 -7.19 -12.92
CA GLU B 283 -10.03 -8.28 -12.29
C GLU B 283 -9.77 -8.40 -10.80
N LYS B 284 -8.78 -7.70 -10.26
CA LYS B 284 -8.34 -7.91 -8.88
C LYS B 284 -9.47 -7.80 -7.86
N SER B 285 -9.99 -6.59 -7.64
CA SER B 285 -11.00 -6.41 -6.61
C SER B 285 -12.18 -7.35 -6.81
N HIS B 286 -12.60 -7.55 -8.07
CA HIS B 286 -13.64 -8.52 -8.36
C HIS B 286 -13.30 -9.89 -7.80
N CYS B 287 -12.10 -10.39 -8.12
CA CYS B 287 -11.70 -11.72 -7.66
C CYS B 287 -11.63 -11.78 -6.14
N ILE B 288 -11.13 -10.72 -5.51
CA ILE B 288 -11.01 -10.69 -4.06
C ILE B 288 -12.39 -10.73 -3.40
N ALA B 289 -13.41 -10.16 -4.05
CA ALA B 289 -14.75 -10.13 -3.46
C ALA B 289 -15.50 -11.47 -3.58
N GLU B 290 -15.09 -12.37 -4.48
CA GLU B 290 -15.77 -13.64 -4.71
C GLU B 290 -15.05 -14.83 -4.09
N VAL B 291 -13.93 -14.61 -3.41
CA VAL B 291 -13.16 -15.74 -2.88
C VAL B 291 -13.89 -16.35 -1.70
N GLU B 292 -13.71 -17.66 -1.54
CA GLU B 292 -14.31 -18.42 -0.45
C GLU B 292 -13.78 -17.93 0.89
N ASN B 293 -14.59 -18.11 1.95
CA ASN B 293 -14.14 -17.80 3.29
C ASN B 293 -12.83 -18.54 3.60
N ASP B 294 -11.93 -17.86 4.30
CA ASP B 294 -10.68 -18.48 4.73
C ASP B 294 -10.95 -19.48 5.86
N GLU B 295 -10.11 -20.49 5.94
CA GLU B 295 -10.22 -21.47 7.02
C GLU B 295 -10.06 -20.78 8.38
N MET B 296 -10.96 -21.12 9.30
CA MET B 296 -10.95 -20.49 10.61
C MET B 296 -9.94 -21.14 11.55
N PRO B 297 -9.31 -20.36 12.43
CA PRO B 297 -8.37 -20.94 13.40
C PRO B 297 -9.04 -22.03 14.24
N ALA B 298 -8.26 -23.06 14.58
CA ALA B 298 -8.83 -24.22 15.25
C ALA B 298 -9.10 -23.95 16.72
N ASP B 299 -8.07 -23.52 17.45
CA ASP B 299 -8.17 -23.37 18.91
C ASP B 299 -8.58 -21.94 19.26
N LEU B 300 -9.86 -21.67 19.04
CA LEU B 300 -10.44 -20.37 19.36
C LEU B 300 -11.29 -20.49 20.61
N PRO B 301 -11.01 -19.71 21.66
CA PRO B 301 -11.78 -19.82 22.91
C PRO B 301 -13.23 -19.42 22.73
N SER B 302 -14.00 -19.52 23.81
CA SER B 302 -15.34 -18.93 23.80
C SER B 302 -15.23 -17.44 24.07
N LEU B 303 -16.27 -16.70 23.71
CA LEU B 303 -16.26 -15.27 23.93
C LEU B 303 -16.58 -14.89 25.37
N ALA B 304 -16.81 -15.87 26.25
CA ALA B 304 -17.23 -15.58 27.61
C ALA B 304 -16.15 -14.79 28.36
N ALA B 305 -14.88 -15.09 28.12
CA ALA B 305 -13.80 -14.47 28.88
C ALA B 305 -13.73 -12.97 28.61
N ASP B 306 -13.95 -12.55 27.37
CA ASP B 306 -13.81 -11.15 27.00
C ASP B 306 -15.09 -10.34 27.17
N PHE B 307 -16.26 -10.94 26.95
CA PHE B 307 -17.50 -10.19 26.83
C PHE B 307 -18.56 -10.53 27.88
N VAL B 308 -18.24 -11.34 28.88
CA VAL B 308 -19.21 -11.69 29.91
C VAL B 308 -18.57 -11.73 31.29
N GLU B 309 -17.64 -12.67 31.49
CA GLU B 309 -17.08 -12.89 32.82
C GLU B 309 -16.08 -11.81 33.22
N SER B 310 -15.38 -11.22 32.26
CA SER B 310 -14.40 -10.20 32.58
C SER B 310 -15.06 -9.00 33.24
N LYS B 311 -14.46 -8.51 34.32
CA LYS B 311 -14.77 -7.17 34.75
C LYS B 311 -14.17 -6.19 33.74
N ASP B 312 -14.56 -4.93 33.83
CA ASP B 312 -14.20 -3.89 32.88
C ASP B 312 -15.05 -3.96 31.61
N VAL B 313 -15.99 -4.89 31.50
CA VAL B 313 -16.85 -4.94 30.33
C VAL B 313 -17.56 -3.61 30.14
N CYS B 314 -18.14 -3.06 31.21
CA CYS B 314 -18.78 -1.77 31.11
C CYS B 314 -17.76 -0.66 30.85
N LYS B 315 -16.58 -0.74 31.48
CA LYS B 315 -15.54 0.24 31.22
C LYS B 315 -15.08 0.17 29.77
N ASN B 316 -14.71 -1.02 29.31
CA ASN B 316 -14.26 -1.17 27.93
C ASN B 316 -15.36 -0.86 26.92
N TYR B 317 -16.63 -0.92 27.34
CA TYR B 317 -17.72 -0.62 26.43
C TYR B 317 -17.97 0.88 26.35
N ALA B 318 -18.08 1.54 27.51
CA ALA B 318 -18.30 2.99 27.51
C ALA B 318 -17.10 3.74 26.95
N GLU B 319 -15.91 3.16 27.07
CA GLU B 319 -14.72 3.79 26.49
C GLU B 319 -14.90 3.99 25.00
N ALA B 320 -15.51 3.03 24.33
CA ALA B 320 -15.74 3.08 22.89
C ALA B 320 -16.80 2.07 22.51
N LYS B 321 -18.08 2.47 22.66
CA LYS B 321 -19.18 1.51 22.50
C LYS B 321 -19.11 0.82 21.14
N ASP B 322 -19.09 1.60 20.07
CA ASP B 322 -19.11 0.99 18.75
C ASP B 322 -17.87 0.14 18.52
N VAL B 323 -16.72 0.54 19.06
CA VAL B 323 -15.53 -0.29 18.91
C VAL B 323 -15.70 -1.61 19.65
N PHE B 324 -16.31 -1.56 20.84
CA PHE B 324 -16.47 -2.78 21.62
C PHE B 324 -17.45 -3.74 20.95
N LEU B 325 -18.63 -3.22 20.58
CA LEU B 325 -19.60 -4.02 19.84
C LEU B 325 -18.98 -4.54 18.55
N GLY B 326 -18.14 -3.73 17.90
CA GLY B 326 -17.42 -4.22 16.74
C GLY B 326 -16.55 -5.41 17.07
N MET B 327 -15.89 -5.39 18.23
CA MET B 327 -15.07 -6.52 18.65
C MET B 327 -15.92 -7.75 18.88
N PHE B 328 -17.06 -7.59 19.55
CA PHE B 328 -17.98 -8.70 19.75
C PHE B 328 -18.40 -9.32 18.42
N LEU B 329 -18.87 -8.47 17.50
CA LEU B 329 -19.25 -8.96 16.18
C LEU B 329 -18.10 -9.72 15.54
N TYR B 330 -16.91 -9.10 15.49
CA TYR B 330 -15.75 -9.75 14.90
C TYR B 330 -15.56 -11.16 15.45
N GLU B 331 -15.38 -11.27 16.79
CA GLU B 331 -15.17 -12.57 17.41
C GLU B 331 -16.29 -13.55 17.04
N TYR B 332 -17.54 -13.09 17.07
CA TYR B 332 -18.67 -13.99 16.81
C TYR B 332 -18.70 -14.45 15.36
N ALA B 333 -18.52 -13.51 14.43
CA ALA B 333 -18.64 -13.79 13.01
C ALA B 333 -17.53 -14.71 12.54
N ARG B 334 -16.28 -14.44 12.93
CA ARG B 334 -15.21 -15.32 12.46
C ARG B 334 -15.32 -16.72 13.04
N ARG B 335 -16.17 -16.93 14.04
CA ARG B 335 -16.44 -18.25 14.56
C ARG B 335 -17.63 -18.91 13.88
N HIS B 336 -18.42 -18.15 13.13
CA HIS B 336 -19.70 -18.64 12.60
C HIS B 336 -19.85 -18.22 11.15
N PRO B 337 -18.99 -18.75 10.28
CA PRO B 337 -19.25 -18.60 8.83
C PRO B 337 -20.57 -19.21 8.40
N ASP B 338 -21.24 -19.98 9.28
CA ASP B 338 -22.52 -20.58 8.94
C ASP B 338 -23.70 -19.62 9.15
N TYR B 339 -23.56 -18.63 10.03
CA TYR B 339 -24.64 -17.69 10.27
C TYR B 339 -24.74 -16.68 9.12
N SER B 340 -25.94 -16.16 8.92
CA SER B 340 -26.12 -15.05 8.00
C SER B 340 -25.55 -13.77 8.61
N VAL B 341 -25.24 -12.79 7.76
CA VAL B 341 -24.75 -11.51 8.28
C VAL B 341 -25.82 -10.88 9.16
N VAL B 342 -27.07 -10.90 8.70
CA VAL B 342 -28.14 -10.28 9.48
C VAL B 342 -28.26 -10.95 10.84
N LEU B 343 -28.17 -12.28 10.90
CA LEU B 343 -28.26 -12.98 12.18
C LEU B 343 -27.19 -12.48 13.16
N LEU B 344 -25.94 -12.43 12.71
CA LEU B 344 -24.90 -11.86 13.56
C LEU B 344 -25.25 -10.44 14.00
N LEU B 345 -25.94 -9.67 13.14
CA LEU B 345 -26.31 -8.32 13.51
C LEU B 345 -27.44 -8.28 14.54
N ARG B 346 -28.34 -9.27 14.52
CA ARG B 346 -29.31 -9.38 15.60
C ARG B 346 -28.63 -9.75 16.90
N LEU B 347 -27.59 -10.57 16.83
CA LEU B 347 -26.86 -10.89 18.05
C LEU B 347 -26.13 -9.66 18.59
N ALA B 348 -25.31 -9.00 17.76
CA ALA B 348 -24.59 -7.81 18.22
C ALA B 348 -25.56 -6.72 18.68
N LYS B 349 -26.70 -6.61 18.00
CA LYS B 349 -27.72 -5.65 18.42
C LYS B 349 -28.25 -6.02 19.80
N THR B 350 -28.61 -7.30 20.00
CA THR B 350 -29.12 -7.77 21.28
C THR B 350 -28.11 -7.55 22.41
N TYR B 351 -26.87 -7.97 22.17
CA TYR B 351 -25.81 -7.75 23.14
C TYR B 351 -25.67 -6.27 23.46
N GLU B 352 -25.86 -5.40 22.44
CA GLU B 352 -25.81 -3.96 22.68
C GLU B 352 -26.96 -3.51 23.57
N THR B 353 -28.16 -4.07 23.34
CA THR B 353 -29.31 -3.70 24.16
C THR B 353 -29.04 -4.05 25.63
N THR B 354 -28.61 -5.28 25.89
CA THR B 354 -28.45 -5.67 27.29
C THR B 354 -27.28 -4.93 27.94
N LEU B 355 -26.18 -4.74 27.22
CA LEU B 355 -25.12 -3.90 27.76
C LEU B 355 -25.63 -2.50 28.09
N GLU B 356 -26.62 -2.01 27.35
CA GLU B 356 -27.20 -0.72 27.68
C GLU B 356 -28.04 -0.79 28.95
N LYS B 357 -28.81 -1.86 29.14
CA LYS B 357 -29.70 -1.93 30.30
C LYS B 357 -28.97 -2.31 31.58
N CYS B 358 -27.85 -3.03 31.47
CA CYS B 358 -27.17 -3.63 32.61
C CYS B 358 -26.05 -2.75 33.18
N CYS B 359 -25.28 -2.09 32.32
CA CYS B 359 -24.19 -1.25 32.83
C CYS B 359 -24.71 -0.05 33.62
N ALA B 360 -26.02 0.18 33.64
CA ALA B 360 -26.62 1.22 34.46
C ALA B 360 -27.49 0.65 35.58
N ALA B 361 -27.42 -0.66 35.82
CA ALA B 361 -28.25 -1.34 36.80
C ALA B 361 -27.46 -1.58 38.09
N ALA B 362 -28.15 -2.14 39.09
CA ALA B 362 -27.58 -2.29 40.41
C ALA B 362 -26.20 -2.95 40.37
N ASP B 363 -26.12 -4.11 39.72
CA ASP B 363 -24.85 -4.83 39.56
C ASP B 363 -24.69 -5.23 38.10
N PRO B 364 -23.89 -4.50 37.33
CA PRO B 364 -23.74 -4.87 35.90
C PRO B 364 -23.27 -6.30 35.69
N HIS B 365 -22.22 -6.72 36.38
CA HIS B 365 -21.64 -8.05 36.17
C HIS B 365 -22.64 -9.17 36.44
N GLU B 366 -23.70 -8.91 37.20
CA GLU B 366 -24.74 -9.90 37.44
C GLU B 366 -25.94 -9.75 36.52
N CYS B 367 -26.18 -8.53 36.02
CA CYS B 367 -27.33 -8.31 35.14
C CYS B 367 -27.10 -8.94 33.77
N TYR B 368 -25.90 -8.77 33.20
CA TYR B 368 -25.59 -9.29 31.88
C TYR B 368 -24.95 -10.67 31.92
N ALA B 369 -25.03 -11.38 33.04
CA ALA B 369 -24.34 -12.65 33.19
C ALA B 369 -24.86 -13.68 32.19
N LYS B 370 -26.17 -13.93 32.19
CA LYS B 370 -26.75 -14.93 31.31
C LYS B 370 -27.25 -14.32 30.00
N VAL B 371 -26.40 -13.52 29.35
CA VAL B 371 -26.84 -12.82 28.15
C VAL B 371 -26.87 -13.76 26.95
N PHE B 372 -25.82 -14.57 26.78
CA PHE B 372 -25.76 -15.46 25.63
C PHE B 372 -26.96 -16.39 25.56
N ASP B 373 -27.66 -16.61 26.68
CA ASP B 373 -28.87 -17.41 26.62
C ASP B 373 -29.92 -16.76 25.72
N GLU B 374 -29.85 -15.44 25.56
CA GLU B 374 -30.78 -14.76 24.68
C GLU B 374 -30.46 -15.00 23.20
N PHE B 375 -29.23 -15.40 22.87
CA PHE B 375 -28.89 -15.59 21.46
C PHE B 375 -29.55 -16.84 20.89
N LYS B 376 -29.68 -17.88 21.71
CA LYS B 376 -30.13 -19.18 21.19
C LYS B 376 -31.38 -19.11 20.33
N PRO B 377 -32.49 -18.53 20.78
CA PRO B 377 -33.68 -18.50 19.92
C PRO B 377 -33.45 -17.77 18.61
N LEU B 378 -32.83 -16.59 18.67
CA LEU B 378 -32.57 -15.83 17.45
C LEU B 378 -31.77 -16.67 16.46
N VAL B 379 -30.91 -17.55 16.97
CA VAL B 379 -30.12 -18.42 16.11
C VAL B 379 -30.98 -19.57 15.59
N GLU B 380 -31.84 -20.13 16.43
CA GLU B 380 -32.64 -21.26 15.98
C GLU B 380 -33.77 -20.84 15.06
N GLU B 381 -34.16 -19.56 15.09
CA GLU B 381 -35.24 -19.10 14.22
C GLU B 381 -34.93 -19.37 12.77
N PRO B 382 -33.87 -18.80 12.18
CA PRO B 382 -33.57 -19.09 10.78
C PRO B 382 -33.21 -20.54 10.51
N GLN B 383 -32.68 -21.25 11.52
CA GLN B 383 -32.31 -22.64 11.29
C GLN B 383 -33.54 -23.52 11.09
N ASN B 384 -34.49 -23.47 12.03
CA ASN B 384 -35.69 -24.29 11.89
C ASN B 384 -36.38 -24.03 10.56
N LEU B 385 -36.58 -22.74 10.23
CA LEU B 385 -37.26 -22.42 8.98
C LEU B 385 -36.54 -23.00 7.78
N ILE B 386 -35.22 -23.06 7.82
CA ILE B 386 -34.51 -23.68 6.72
C ILE B 386 -34.78 -25.19 6.71
N LYS B 387 -34.54 -25.86 7.84
CA LYS B 387 -34.71 -27.31 7.87
C LYS B 387 -36.09 -27.68 7.37
N GLN B 388 -37.11 -27.16 8.06
CA GLN B 388 -38.47 -27.50 7.70
C GLN B 388 -38.70 -27.23 6.22
N ASN B 389 -38.28 -26.06 5.74
CA ASN B 389 -38.60 -25.71 4.37
C ASN B 389 -37.85 -26.61 3.40
N CYS B 390 -36.57 -26.89 3.69
CA CYS B 390 -35.86 -27.78 2.78
C CYS B 390 -36.44 -29.18 2.86
N GLU B 391 -36.93 -29.57 4.05
CA GLU B 391 -37.57 -30.86 4.14
C GLU B 391 -38.79 -30.90 3.24
N LEU B 392 -39.56 -29.82 3.22
CA LEU B 392 -40.71 -29.79 2.34
C LEU B 392 -40.27 -29.86 0.88
N PHE B 393 -39.19 -29.15 0.55
CA PHE B 393 -38.74 -29.19 -0.83
C PHE B 393 -38.29 -30.59 -1.23
N GLU B 394 -37.81 -31.38 -0.27
CA GLU B 394 -37.41 -32.75 -0.61
C GLU B 394 -38.62 -33.65 -0.81
N GLN B 395 -39.72 -33.41 -0.11
CA GLN B 395 -40.89 -34.26 -0.29
C GLN B 395 -41.48 -34.01 -1.67
N LEU B 396 -42.05 -32.82 -1.87
CA LEU B 396 -42.59 -32.43 -3.16
C LEU B 396 -41.47 -31.95 -4.07
N GLY B 397 -41.72 -32.02 -5.37
CA GLY B 397 -40.75 -31.48 -6.31
C GLY B 397 -40.59 -29.98 -6.18
N GLU B 398 -39.77 -29.36 -7.03
CA GLU B 398 -39.71 -27.90 -7.04
C GLU B 398 -41.07 -27.30 -7.38
N TYR B 399 -41.80 -27.94 -8.30
CA TYR B 399 -43.06 -27.37 -8.77
C TYR B 399 -44.16 -27.46 -7.70
N LYS B 400 -44.36 -28.65 -7.12
CA LYS B 400 -45.37 -28.80 -6.09
C LYS B 400 -45.02 -27.99 -4.84
N PHE B 401 -43.73 -27.83 -4.56
CA PHE B 401 -43.28 -26.93 -3.50
C PHE B 401 -43.68 -25.50 -3.83
N GLN B 402 -43.43 -25.07 -5.06
CA GLN B 402 -43.88 -23.75 -5.49
C GLN B 402 -45.37 -23.59 -5.26
N ASN B 403 -46.16 -24.63 -5.51
CA ASN B 403 -47.59 -24.56 -5.28
C ASN B 403 -47.92 -24.45 -3.79
N ALA B 404 -47.13 -25.11 -2.93
CA ALA B 404 -47.33 -24.92 -1.50
C ALA B 404 -47.11 -23.47 -1.10
N LEU B 405 -45.95 -22.91 -1.47
CA LEU B 405 -45.69 -21.50 -1.19
C LEU B 405 -46.79 -20.62 -1.78
N LEU B 406 -47.28 -20.98 -2.97
CA LEU B 406 -48.34 -20.21 -3.59
C LEU B 406 -49.56 -20.14 -2.68
N VAL B 407 -49.99 -21.31 -2.18
CA VAL B 407 -51.16 -21.32 -1.31
C VAL B 407 -50.89 -20.56 -0.02
N ARG B 408 -49.66 -20.62 0.50
CA ARG B 408 -49.37 -19.97 1.78
C ARG B 408 -49.37 -18.45 1.65
N TYR B 409 -48.68 -17.93 0.64
CA TYR B 409 -48.52 -16.49 0.52
C TYR B 409 -49.76 -15.81 -0.06
N THR B 410 -50.57 -16.54 -0.84
CA THR B 410 -51.86 -15.99 -1.23
C THR B 410 -52.76 -15.78 -0.01
N LYS B 411 -52.85 -16.79 0.86
CA LYS B 411 -53.62 -16.61 2.10
C LYS B 411 -53.04 -15.51 2.97
N LYS B 412 -51.72 -15.28 2.92
CA LYS B 412 -51.14 -14.26 3.78
C LYS B 412 -51.42 -12.85 3.27
N VAL B 413 -51.22 -12.61 1.96
CA VAL B 413 -51.49 -11.30 1.38
C VAL B 413 -52.32 -11.46 0.12
N PRO B 414 -53.61 -11.74 0.23
CA PRO B 414 -54.42 -11.99 -0.97
C PRO B 414 -54.63 -10.77 -1.84
N GLN B 415 -54.29 -9.57 -1.36
CA GLN B 415 -54.45 -8.35 -2.15
C GLN B 415 -53.38 -8.19 -3.23
N VAL B 416 -52.29 -8.95 -3.17
CA VAL B 416 -51.26 -8.86 -4.21
C VAL B 416 -51.79 -9.46 -5.49
N SER B 417 -51.46 -8.82 -6.61
CA SER B 417 -51.91 -9.28 -7.91
C SER B 417 -51.51 -10.73 -8.11
N THR B 418 -52.27 -11.43 -8.94
CA THR B 418 -52.02 -12.84 -9.20
C THR B 418 -50.65 -13.08 -9.82
N PRO B 419 -50.26 -12.37 -10.89
CA PRO B 419 -48.93 -12.64 -11.48
C PRO B 419 -47.80 -12.42 -10.51
N THR B 420 -47.92 -11.48 -9.58
CA THR B 420 -46.84 -11.23 -8.63
C THR B 420 -46.76 -12.36 -7.60
N LEU B 421 -47.90 -12.85 -7.14
CA LEU B 421 -47.89 -14.04 -6.28
C LEU B 421 -47.26 -15.22 -6.99
N VAL B 422 -47.63 -15.45 -8.25
CA VAL B 422 -47.07 -16.56 -9.00
C VAL B 422 -45.55 -16.44 -9.12
N GLU B 423 -45.09 -15.24 -9.50
CA GLU B 423 -43.66 -15.04 -9.75
C GLU B 423 -42.85 -15.17 -8.45
N VAL B 424 -43.37 -14.63 -7.35
CA VAL B 424 -42.67 -14.73 -6.08
C VAL B 424 -42.62 -16.18 -5.62
N SER B 425 -43.72 -16.92 -5.78
CA SER B 425 -43.73 -18.33 -5.37
C SER B 425 -42.73 -19.13 -6.20
N ARG B 426 -42.63 -18.84 -7.50
CA ARG B 426 -41.67 -19.59 -8.31
C ARG B 426 -40.24 -19.25 -7.91
N ASN B 427 -39.93 -17.95 -7.78
CA ASN B 427 -38.58 -17.55 -7.36
C ASN B 427 -38.20 -18.21 -6.04
N LEU B 428 -39.06 -18.08 -5.03
CA LEU B 428 -38.78 -18.74 -3.74
C LEU B 428 -38.53 -20.23 -3.96
N GLY B 429 -39.29 -20.85 -4.86
CA GLY B 429 -39.02 -22.25 -5.15
C GLY B 429 -37.63 -22.48 -5.67
N LYS B 430 -37.18 -21.64 -6.61
CA LYS B 430 -35.84 -21.79 -7.16
C LYS B 430 -34.78 -21.60 -6.08
N VAL B 431 -35.03 -20.69 -5.13
CA VAL B 431 -34.11 -20.53 -4.01
C VAL B 431 -34.06 -21.81 -3.20
N GLY B 432 -35.19 -22.50 -3.08
CA GLY B 432 -35.17 -23.80 -2.43
C GLY B 432 -34.36 -24.83 -3.20
N SER B 433 -34.46 -24.81 -4.53
CA SER B 433 -33.68 -25.74 -5.33
C SER B 433 -32.18 -25.50 -5.16
N LYS B 434 -31.77 -24.23 -5.09
CA LYS B 434 -30.34 -23.94 -5.05
C LYS B 434 -29.76 -24.17 -3.65
N CYS B 435 -30.39 -23.61 -2.62
CA CYS B 435 -29.76 -23.61 -1.31
C CYS B 435 -29.92 -24.95 -0.58
N CYS B 436 -31.05 -25.63 -0.75
CA CYS B 436 -31.29 -26.87 -0.02
C CYS B 436 -30.33 -27.99 -0.40
N LYS B 437 -29.60 -27.86 -1.50
CA LYS B 437 -28.59 -28.84 -1.86
C LYS B 437 -27.24 -28.57 -1.22
N HIS B 438 -27.11 -27.52 -0.43
CA HIS B 438 -25.94 -27.37 0.41
C HIS B 438 -26.17 -28.07 1.75
N PRO B 439 -25.11 -28.43 2.46
CA PRO B 439 -25.28 -28.88 3.85
C PRO B 439 -25.71 -27.71 4.73
N GLU B 440 -26.13 -28.05 5.96
CA GLU B 440 -26.59 -27.01 6.89
C GLU B 440 -25.52 -25.96 7.12
N ALA B 441 -24.27 -26.39 7.28
CA ALA B 441 -23.18 -25.48 7.63
C ALA B 441 -23.06 -24.31 6.64
N LYS B 442 -23.71 -24.42 5.49
CA LYS B 442 -23.61 -23.37 4.47
C LYS B 442 -24.98 -22.99 3.89
N ARG B 443 -26.08 -23.33 4.57
CA ARG B 443 -27.39 -23.03 4.01
C ARG B 443 -27.86 -21.61 4.33
N MET B 444 -27.66 -21.15 5.56
CA MET B 444 -28.22 -19.85 5.97
C MET B 444 -27.64 -18.67 5.21
N PRO B 445 -26.34 -18.60 4.91
CA PRO B 445 -25.87 -17.50 4.06
C PRO B 445 -26.54 -17.54 2.70
N CYS B 446 -26.60 -18.73 2.09
CA CYS B 446 -27.22 -18.88 0.78
C CYS B 446 -28.60 -18.24 0.77
N ALA B 447 -29.48 -18.72 1.65
CA ALA B 447 -30.83 -18.18 1.71
C ALA B 447 -30.79 -16.66 1.80
N GLU B 448 -30.02 -16.14 2.76
CA GLU B 448 -29.93 -14.70 2.92
C GLU B 448 -29.64 -14.05 1.57
N ASP B 449 -28.55 -14.49 0.95
CA ASP B 449 -28.12 -13.90 -0.32
C ASP B 449 -29.24 -13.89 -1.33
N TYR B 450 -29.97 -15.01 -1.43
CA TYR B 450 -31.04 -15.08 -2.42
C TYR B 450 -32.30 -14.39 -1.94
N LEU B 451 -32.62 -14.53 -0.65
CA LEU B 451 -33.84 -13.88 -0.18
C LEU B 451 -33.72 -12.37 -0.32
N SER B 452 -32.55 -11.82 0.00
CA SER B 452 -32.36 -10.39 -0.13
C SER B 452 -32.67 -9.92 -1.55
N VAL B 453 -32.48 -10.77 -2.55
CA VAL B 453 -32.77 -10.32 -3.90
C VAL B 453 -34.26 -10.45 -4.19
N VAL B 454 -34.88 -11.53 -3.70
CA VAL B 454 -36.30 -11.73 -3.95
C VAL B 454 -37.13 -10.70 -3.20
N LEU B 455 -36.94 -10.63 -1.89
CA LEU B 455 -37.68 -9.68 -1.07
C LEU B 455 -37.42 -8.24 -1.47
N ASN B 456 -36.29 -7.97 -2.12
CA ASN B 456 -36.07 -6.63 -2.64
C ASN B 456 -36.91 -6.40 -3.88
N GLN B 457 -36.85 -7.33 -4.83
CA GLN B 457 -37.70 -7.22 -6.02
C GLN B 457 -39.15 -7.07 -5.59
N LEU B 458 -39.58 -7.94 -4.67
CA LEU B 458 -40.93 -7.86 -4.14
C LEU B 458 -41.22 -6.47 -3.61
N CYS B 459 -40.28 -5.90 -2.87
CA CYS B 459 -40.48 -4.58 -2.29
C CYS B 459 -40.53 -3.50 -3.37
N VAL B 460 -39.63 -3.58 -4.36
CA VAL B 460 -39.60 -2.55 -5.38
C VAL B 460 -40.95 -2.46 -6.08
N LEU B 461 -41.47 -3.62 -6.52
CA LEU B 461 -42.81 -3.67 -7.11
C LEU B 461 -43.82 -3.03 -6.17
N HIS B 462 -43.78 -3.41 -4.89
CA HIS B 462 -44.79 -2.90 -3.97
C HIS B 462 -44.69 -1.39 -3.83
N GLU B 463 -43.49 -0.83 -3.99
CA GLU B 463 -43.36 0.62 -3.93
C GLU B 463 -44.15 1.27 -5.05
N LYS B 464 -44.03 0.74 -6.27
CA LYS B 464 -44.73 1.35 -7.41
C LYS B 464 -46.23 1.26 -7.23
N THR B 465 -46.74 0.09 -6.85
CA THR B 465 -48.17 -0.15 -6.69
C THR B 465 -48.42 -0.77 -5.32
N PRO B 466 -48.54 0.05 -4.27
CA PRO B 466 -48.75 -0.50 -2.93
C PRO B 466 -50.14 -1.09 -2.76
N VAL B 467 -50.21 -2.15 -1.96
CA VAL B 467 -51.47 -2.86 -1.76
C VAL B 467 -51.70 -3.21 -0.29
N SER B 468 -50.63 -3.53 0.43
CA SER B 468 -50.71 -4.04 1.80
C SER B 468 -49.92 -3.16 2.74
N ASP B 469 -50.57 -2.70 3.81
CA ASP B 469 -49.88 -1.91 4.82
C ASP B 469 -48.81 -2.73 5.52
N ARG B 470 -49.05 -4.03 5.71
CA ARG B 470 -48.05 -4.88 6.35
C ARG B 470 -46.82 -5.06 5.47
N VAL B 471 -47.04 -5.19 4.16
CA VAL B 471 -45.92 -5.36 3.24
C VAL B 471 -45.11 -4.08 3.16
N THR B 472 -45.78 -2.93 3.15
CA THR B 472 -45.05 -1.67 3.23
C THR B 472 -44.23 -1.62 4.51
N LYS B 473 -44.82 -2.00 5.64
CA LYS B 473 -44.06 -2.02 6.88
C LYS B 473 -42.80 -2.87 6.75
N CYS B 474 -42.91 -4.05 6.13
CA CYS B 474 -41.72 -4.89 5.98
C CYS B 474 -40.70 -4.31 5.01
N CYS B 475 -41.16 -3.57 3.99
CA CYS B 475 -40.25 -3.07 2.97
C CYS B 475 -39.53 -1.81 3.41
N THR B 476 -40.15 -0.99 4.26
CA THR B 476 -39.51 0.22 4.78
C THR B 476 -38.70 -0.05 6.04
N GLU B 477 -38.77 -1.26 6.57
CA GLU B 477 -38.05 -1.63 7.78
C GLU B 477 -36.54 -1.71 7.50
N SER B 478 -35.76 -1.87 8.57
CA SER B 478 -34.33 -2.06 8.42
C SER B 478 -34.04 -3.41 7.76
N LEU B 479 -32.98 -3.45 6.96
CA LEU B 479 -32.62 -4.68 6.25
C LEU B 479 -32.32 -5.85 7.19
N VAL B 480 -32.19 -5.60 8.49
CA VAL B 480 -31.98 -6.69 9.44
C VAL B 480 -33.30 -7.35 9.83
N ASN B 481 -34.38 -6.59 9.89
CA ASN B 481 -35.69 -7.13 10.24
C ASN B 481 -36.58 -7.39 9.02
N ARG B 482 -36.09 -7.14 7.81
CA ARG B 482 -36.92 -7.34 6.62
C ARG B 482 -37.43 -8.77 6.54
N ARG B 483 -36.51 -9.73 6.42
CA ARG B 483 -36.92 -11.13 6.31
C ARG B 483 -37.76 -11.57 7.49
N PRO B 484 -37.37 -11.32 8.75
CA PRO B 484 -38.26 -11.68 9.87
C PRO B 484 -39.63 -11.04 9.78
N CYS B 485 -39.70 -9.79 9.32
CA CYS B 485 -40.99 -9.11 9.16
C CYS B 485 -41.88 -9.87 8.19
N PHE B 486 -41.31 -10.35 7.08
CA PHE B 486 -42.12 -11.14 6.15
C PHE B 486 -42.53 -12.48 6.76
N SER B 487 -41.60 -13.15 7.45
CA SER B 487 -41.92 -14.43 8.09
C SER B 487 -43.00 -14.28 9.15
N ALA B 488 -43.17 -13.08 9.69
CA ALA B 488 -44.17 -12.82 10.74
C ALA B 488 -45.56 -12.56 10.19
N LEU B 489 -45.72 -12.52 8.88
CA LEU B 489 -47.05 -12.27 8.31
C LEU B 489 -47.97 -13.44 8.60
N GLU B 490 -49.18 -13.13 9.04
CA GLU B 490 -50.17 -14.14 9.32
C GLU B 490 -51.28 -14.06 8.29
N VAL B 491 -52.05 -15.16 8.20
CA VAL B 491 -53.17 -15.21 7.28
C VAL B 491 -54.09 -14.02 7.51
N ASP B 492 -54.59 -13.46 6.41
CA ASP B 492 -55.47 -12.30 6.46
C ASP B 492 -56.90 -12.77 6.67
N GLU B 493 -57.32 -12.81 7.95
CA GLU B 493 -58.66 -13.25 8.31
C GLU B 493 -59.74 -12.24 7.96
N THR B 494 -59.38 -11.06 7.46
CA THR B 494 -60.31 -10.02 7.07
C THR B 494 -60.61 -10.01 5.57
N TYR B 495 -59.81 -10.69 4.75
CA TYR B 495 -59.98 -10.65 3.30
C TYR B 495 -61.37 -11.16 2.91
N VAL B 496 -62.04 -10.40 2.06
CA VAL B 496 -63.33 -10.80 1.51
C VAL B 496 -63.09 -11.65 0.26
N PRO B 497 -63.69 -12.82 0.15
CA PRO B 497 -63.43 -13.68 -1.02
C PRO B 497 -63.78 -12.98 -2.33
N LYS B 498 -63.06 -13.35 -3.39
CA LYS B 498 -63.26 -12.73 -4.68
C LYS B 498 -64.46 -13.32 -5.39
N GLU B 499 -65.10 -12.50 -6.23
CA GLU B 499 -66.26 -12.97 -6.98
C GLU B 499 -65.87 -14.10 -7.90
N PHE B 500 -66.69 -15.13 -7.96
CA PHE B 500 -66.46 -16.21 -8.90
C PHE B 500 -66.58 -15.69 -10.33
N ASN B 501 -65.55 -15.95 -11.15
CA ASN B 501 -65.55 -15.62 -12.56
C ASN B 501 -65.36 -16.90 -13.36
N ALA B 502 -66.36 -17.24 -14.17
CA ALA B 502 -66.31 -18.51 -14.90
C ALA B 502 -65.09 -18.57 -15.82
N GLU B 503 -64.77 -17.45 -16.47
CA GLU B 503 -63.65 -17.43 -17.41
C GLU B 503 -62.35 -17.77 -16.71
N THR B 504 -62.14 -17.24 -15.50
CA THR B 504 -60.91 -17.51 -14.77
C THR B 504 -60.65 -19.00 -14.63
N PHE B 505 -61.70 -19.83 -14.67
CA PHE B 505 -61.57 -21.27 -14.50
C PHE B 505 -62.03 -22.04 -15.73
N THR B 506 -62.06 -21.38 -16.89
CA THR B 506 -62.32 -22.04 -18.17
C THR B 506 -61.00 -22.35 -18.86
N PHE B 507 -60.88 -23.55 -19.40
CA PHE B 507 -59.63 -24.03 -19.97
C PHE B 507 -59.86 -24.59 -21.37
N HIS B 508 -58.91 -24.34 -22.26
CA HIS B 508 -59.00 -24.76 -23.66
C HIS B 508 -57.82 -25.65 -24.02
N ALA B 509 -57.96 -26.34 -25.16
CA ALA B 509 -56.99 -27.37 -25.54
C ALA B 509 -55.62 -26.81 -25.87
N ASP B 510 -55.49 -25.49 -26.08
CA ASP B 510 -54.17 -24.93 -26.34
C ASP B 510 -53.19 -25.29 -25.22
N ILE B 511 -53.69 -25.43 -23.99
CA ILE B 511 -52.82 -25.72 -22.86
C ILE B 511 -52.06 -27.02 -23.10
N CYS B 512 -52.63 -27.93 -23.90
CA CYS B 512 -51.96 -29.21 -24.16
C CYS B 512 -50.67 -29.04 -24.96
N THR B 513 -50.54 -27.95 -25.72
CA THR B 513 -49.36 -27.73 -26.54
C THR B 513 -48.41 -26.70 -25.95
N LEU B 514 -48.77 -26.06 -24.83
CA LEU B 514 -47.86 -25.13 -24.19
C LEU B 514 -46.62 -25.87 -23.67
N SER B 515 -45.56 -25.11 -23.45
CA SER B 515 -44.39 -25.69 -22.82
C SER B 515 -44.67 -25.99 -21.35
N GLU B 516 -43.89 -26.90 -20.77
CA GLU B 516 -44.06 -27.21 -19.36
C GLU B 516 -44.04 -25.96 -18.49
N LYS B 517 -43.23 -24.96 -18.88
CA LYS B 517 -43.12 -23.73 -18.11
C LYS B 517 -44.40 -22.90 -18.19
N GLU B 518 -44.95 -22.75 -19.40
CA GLU B 518 -46.15 -21.94 -19.57
C GLU B 518 -47.37 -22.67 -19.05
N ARG B 519 -47.45 -23.99 -19.26
CA ARG B 519 -48.53 -24.76 -18.64
C ARG B 519 -48.47 -24.62 -17.12
N GLN B 520 -47.27 -24.72 -16.54
CA GLN B 520 -47.14 -24.58 -15.10
C GLN B 520 -47.64 -23.22 -14.63
N ILE B 521 -47.22 -22.14 -15.32
CA ILE B 521 -47.66 -20.82 -14.89
C ILE B 521 -49.17 -20.64 -15.05
N LYS B 522 -49.77 -21.31 -16.04
CA LYS B 522 -51.23 -21.24 -16.22
C LYS B 522 -51.96 -21.95 -15.07
N LYS B 523 -51.48 -23.15 -14.70
CA LYS B 523 -52.08 -23.88 -13.60
C LYS B 523 -51.89 -23.12 -12.29
N GLN B 524 -50.69 -22.58 -12.06
CA GLN B 524 -50.41 -21.84 -10.83
C GLN B 524 -51.22 -20.56 -10.77
N THR B 525 -51.43 -19.91 -11.91
CA THR B 525 -52.34 -18.76 -11.95
C THR B 525 -53.73 -19.16 -11.50
N ALA B 526 -54.27 -20.24 -12.09
CA ALA B 526 -55.59 -20.71 -11.69
C ALA B 526 -55.62 -21.11 -10.21
N LEU B 527 -54.50 -21.59 -9.66
CA LEU B 527 -54.45 -21.97 -8.25
C LEU B 527 -54.50 -20.76 -7.34
N VAL B 528 -53.79 -19.70 -7.71
CA VAL B 528 -53.88 -18.45 -6.95
C VAL B 528 -55.31 -17.91 -7.01
N GLU B 529 -55.87 -17.83 -8.22
CA GLU B 529 -57.25 -17.37 -8.36
C GLU B 529 -58.21 -18.23 -7.56
N LEU B 530 -57.93 -19.53 -7.49
CA LEU B 530 -58.79 -20.42 -6.71
C LEU B 530 -58.70 -20.11 -5.23
N VAL B 531 -57.50 -19.84 -4.73
CA VAL B 531 -57.37 -19.52 -3.32
C VAL B 531 -57.96 -18.14 -3.01
N LYS B 532 -57.89 -17.20 -3.96
CA LYS B 532 -58.50 -15.89 -3.76
C LYS B 532 -60.02 -15.97 -3.81
N HIS B 533 -60.58 -16.95 -4.53
CA HIS B 533 -62.03 -17.11 -4.56
C HIS B 533 -62.56 -17.85 -3.35
N LYS B 534 -61.88 -18.91 -2.90
CA LYS B 534 -62.26 -19.67 -1.72
C LYS B 534 -61.10 -19.63 -0.72
N PRO B 535 -60.87 -18.49 -0.08
CA PRO B 535 -59.67 -18.36 0.77
C PRO B 535 -59.67 -19.28 1.97
N LYS B 536 -60.83 -19.76 2.42
CA LYS B 536 -60.89 -20.59 3.60
C LYS B 536 -60.81 -22.08 3.28
N ALA B 537 -60.57 -22.46 2.03
CA ALA B 537 -60.47 -23.86 1.69
C ALA B 537 -59.30 -24.51 2.41
N THR B 538 -59.49 -25.77 2.82
CA THR B 538 -58.48 -26.47 3.61
C THR B 538 -57.49 -27.21 2.73
N LYS B 539 -56.33 -27.51 3.31
CA LYS B 539 -55.29 -28.23 2.58
C LYS B 539 -55.86 -29.44 1.85
N GLU B 540 -56.67 -30.24 2.55
CA GLU B 540 -57.23 -31.44 1.93
C GLU B 540 -58.20 -31.10 0.82
N GLN B 541 -59.06 -30.10 1.03
CA GLN B 541 -59.99 -29.67 -0.02
C GLN B 541 -59.24 -29.17 -1.24
N LEU B 542 -58.25 -28.30 -1.02
CA LEU B 542 -57.44 -27.78 -2.11
C LEU B 542 -56.75 -28.90 -2.86
N LYS B 543 -56.17 -29.86 -2.14
CA LYS B 543 -55.52 -31.00 -2.80
C LYS B 543 -56.52 -31.81 -3.61
N ALA B 544 -57.75 -31.97 -3.10
CA ALA B 544 -58.75 -32.73 -3.83
C ALA B 544 -59.13 -32.03 -5.14
N VAL B 545 -59.32 -30.70 -5.09
CA VAL B 545 -59.62 -29.97 -6.32
C VAL B 545 -58.45 -30.06 -7.28
N MET B 546 -57.23 -29.82 -6.80
CA MET B 546 -56.06 -29.89 -7.67
C MET B 546 -55.93 -31.26 -8.33
N ASP B 547 -56.11 -32.34 -7.57
CA ASP B 547 -56.11 -33.68 -8.17
C ASP B 547 -57.19 -33.79 -9.25
N ASP B 548 -58.41 -33.35 -8.93
CA ASP B 548 -59.47 -33.35 -9.93
C ASP B 548 -59.05 -32.62 -11.21
N PHE B 549 -58.41 -31.45 -11.05
CA PHE B 549 -57.99 -30.65 -12.20
C PHE B 549 -56.89 -31.35 -13.00
N ALA B 550 -55.86 -31.86 -12.31
CA ALA B 550 -54.79 -32.56 -13.01
C ALA B 550 -55.32 -33.73 -13.81
N ALA B 551 -56.16 -34.56 -13.18
CA ALA B 551 -56.74 -35.68 -13.91
C ALA B 551 -57.57 -35.19 -15.08
N PHE B 552 -58.29 -34.07 -14.89
CA PHE B 552 -59.13 -33.52 -15.96
C PHE B 552 -58.29 -33.07 -17.14
N VAL B 553 -57.12 -32.48 -16.88
CA VAL B 553 -56.24 -32.03 -17.94
C VAL B 553 -55.64 -33.21 -18.69
N GLU B 554 -55.15 -34.23 -17.97
CA GLU B 554 -54.63 -35.38 -18.70
C GLU B 554 -55.72 -36.14 -19.45
N LYS B 555 -56.98 -36.00 -19.03
CA LYS B 555 -58.05 -36.66 -19.78
C LYS B 555 -58.39 -35.90 -21.05
N CYS B 556 -58.41 -34.57 -20.98
CA CYS B 556 -58.77 -33.81 -22.18
C CYS B 556 -57.61 -33.61 -23.15
N CYS B 557 -56.36 -33.73 -22.70
CA CYS B 557 -55.23 -33.71 -23.62
C CYS B 557 -54.95 -35.07 -24.24
N LYS B 558 -55.73 -36.08 -23.89
CA LYS B 558 -55.54 -37.44 -24.38
C LYS B 558 -56.69 -37.89 -25.27
N ALA B 559 -57.63 -37.00 -25.57
CA ALA B 559 -58.86 -37.33 -26.29
C ALA B 559 -58.73 -36.97 -27.76
N ASP B 560 -59.56 -37.63 -28.58
CA ASP B 560 -59.55 -37.36 -30.01
C ASP B 560 -60.15 -35.99 -30.33
N ASP B 561 -61.11 -35.54 -29.54
CA ASP B 561 -61.80 -34.25 -29.75
C ASP B 561 -61.58 -33.41 -28.49
N LYS B 562 -60.42 -32.75 -28.44
CA LYS B 562 -59.94 -32.20 -27.17
C LYS B 562 -60.76 -31.00 -26.70
N GLU B 563 -61.17 -30.11 -27.61
CA GLU B 563 -61.84 -28.89 -27.16
C GLU B 563 -63.19 -29.19 -26.52
N THR B 564 -63.97 -30.10 -27.11
CA THR B 564 -65.24 -30.47 -26.50
C THR B 564 -65.03 -31.13 -25.15
N CYS B 565 -63.96 -31.90 -25.00
CA CYS B 565 -63.63 -32.42 -23.67
C CYS B 565 -63.41 -31.28 -22.70
N PHE B 566 -62.60 -30.28 -23.07
CA PHE B 566 -62.33 -29.18 -22.16
C PHE B 566 -63.61 -28.44 -21.79
N ALA B 567 -64.57 -28.35 -22.70
CA ALA B 567 -65.78 -27.61 -22.39
C ALA B 567 -66.74 -28.43 -21.53
N GLU B 568 -66.97 -29.70 -21.90
CA GLU B 568 -67.84 -30.61 -21.17
C GLU B 568 -67.28 -30.96 -19.80
N GLU B 569 -66.16 -31.68 -19.81
CA GLU B 569 -65.47 -32.01 -18.57
C GLU B 569 -65.09 -30.75 -17.82
N GLY B 570 -64.88 -29.63 -18.51
CA GLY B 570 -64.62 -28.38 -17.81
C GLY B 570 -65.82 -27.93 -17.00
N LYS B 571 -67.01 -27.96 -17.61
CA LYS B 571 -68.21 -27.62 -16.87
C LYS B 571 -68.41 -28.55 -15.68
N LYS B 572 -68.17 -29.85 -15.87
CA LYS B 572 -68.33 -30.78 -14.76
C LYS B 572 -67.34 -30.49 -13.64
N LEU B 573 -66.07 -30.26 -13.99
CA LEU B 573 -65.05 -30.00 -12.98
C LEU B 573 -65.39 -28.75 -12.18
N VAL B 574 -65.82 -27.69 -12.84
CA VAL B 574 -66.13 -26.46 -12.12
C VAL B 574 -67.33 -26.66 -11.20
N ALA B 575 -68.42 -27.26 -11.73
CA ALA B 575 -69.58 -27.52 -10.88
C ALA B 575 -69.21 -28.33 -9.64
N ALA B 576 -68.55 -29.47 -9.84
CA ALA B 576 -68.17 -30.32 -8.72
C ALA B 576 -67.30 -29.56 -7.73
N SER B 577 -66.31 -28.80 -8.22
CA SER B 577 -65.41 -28.10 -7.33
C SER B 577 -66.14 -27.03 -6.52
N GLN B 578 -67.03 -26.30 -7.16
CA GLN B 578 -67.84 -25.33 -6.41
C GLN B 578 -68.64 -26.04 -5.32
N ALA B 579 -69.20 -27.22 -5.63
CA ALA B 579 -69.97 -27.94 -4.62
C ALA B 579 -69.09 -28.37 -3.45
N ALA B 580 -67.86 -28.80 -3.73
CA ALA B 580 -66.99 -29.28 -2.65
C ALA B 580 -66.57 -28.16 -1.71
N LEU B 581 -66.41 -26.93 -2.22
CA LEU B 581 -65.97 -25.81 -1.40
C LEU B 581 -67.14 -24.91 -1.00
C1 PLM C . 34.99 7.21 21.50
O1 PLM C . 36.09 7.57 21.98
O2 PLM C . 34.80 7.30 20.26
C2 PLM C . 33.88 6.67 22.41
C3 PLM C . 34.39 6.25 23.79
C4 PLM C . 33.72 4.98 24.32
C5 PLM C . 34.55 3.73 24.06
C6 PLM C . 33.81 2.44 24.39
C7 PLM C . 32.83 2.04 23.30
C8 PLM C . 31.88 0.92 23.73
C9 PLM C . 30.84 0.60 22.67
CA PLM C . 29.70 -0.25 23.21
CB PLM C . 30.01 -1.74 23.14
C1 PLM D . 18.15 -6.82 9.06
O1 PLM D . 18.34 -7.91 8.45
O2 PLM D . 18.14 -5.74 8.43
C2 PLM D . 17.95 -6.79 10.58
C3 PLM D . 17.83 -8.18 11.21
C4 PLM D . 16.60 -8.29 12.12
C5 PLM D . 16.62 -7.26 13.23
C6 PLM D . 15.72 -7.72 14.37
C7 PLM D . 15.15 -6.58 15.18
C8 PLM D . 13.96 -7.08 15.99
C9 PLM D . 14.24 -7.09 17.48
CA PLM D . 13.44 -6.00 18.18
CB PLM D . 13.60 -6.03 19.70
CC PLM D . 12.31 -6.47 20.38
CD PLM D . 11.46 -5.29 20.83
CE PLM D . 10.49 -5.68 21.93
CF PLM D . 10.09 -7.16 21.85
CG PLM D . 9.13 -7.57 22.95
C1 PLM E . 32.66 13.49 -8.27
O1 PLM E . 32.48 14.71 -8.00
O2 PLM E . 32.47 13.07 -9.43
C2 PLM E . 33.13 12.53 -7.19
C3 PLM E . 34.64 12.53 -7.14
C4 PLM E . 35.20 13.90 -6.73
C5 PLM E . 36.70 13.98 -6.95
C6 PLM E . 37.41 14.76 -5.85
C7 PLM E . 38.61 15.55 -6.36
C8 PLM E . 38.95 16.75 -5.47
C9 PLM E . 39.29 16.35 -4.03
CA PLM E . 39.87 17.52 -3.22
CB PLM E . 40.38 17.12 -1.84
CC PLM E . 41.57 16.17 -1.86
CD PLM E . 41.14 14.71 -2.03
CE PLM E . 42.17 13.91 -2.83
CF PLM E . 41.57 12.68 -3.53
C1 PLM F . 38.43 21.18 -5.11
O1 PLM F . 39.21 21.56 -4.20
O2 PLM F . 38.16 21.93 -6.08
C2 PLM F . 37.77 19.80 -5.04
C3 PLM F . 36.55 19.81 -4.14
C4 PLM F . 36.94 19.99 -2.66
C5 PLM F . 35.78 20.48 -1.82
C6 PLM F . 36.24 21.02 -0.47
C7 PLM F . 35.89 22.49 -0.31
C8 PLM F . 36.03 22.96 1.13
C9 PLM F . 35.39 24.32 1.33
CA PLM F . 36.11 25.17 2.36
CB PLM F . 35.17 26.17 3.02
CC PLM F . 34.39 25.51 4.16
CD PLM F . 33.02 26.16 4.37
CE PLM F . 32.28 25.58 5.57
CF PLM F . 31.22 26.55 6.12
CG PLM F . 30.42 25.94 7.26
C1 PLM G . 55.55 24.04 10.06
O1 PLM G . 56.12 23.66 11.11
O2 PLM G . 55.34 23.18 9.16
C2 PLM G . 55.11 25.48 9.85
C3 PLM G . 53.59 25.63 10.01
C4 PLM G . 53.08 27.02 9.65
C5 PLM G . 52.87 27.95 10.85
C6 PLM G . 52.17 29.24 10.41
C7 PLM G . 51.92 30.22 11.56
C8 PLM G . 53.10 31.14 11.78
C9 PLM G . 52.78 32.61 11.53
CA PLM G . 53.99 33.53 11.72
CB PLM G . 53.70 34.70 12.67
CC PLM G . 53.94 36.07 12.04
CD PLM G . 52.72 36.99 12.02
CE PLM G . 52.80 37.92 10.80
CF PLM G . 51.71 38.99 10.71
C1 PLM H . 17.58 15.37 -11.10
O1 PLM H . 16.37 15.19 -10.77
O2 PLM H . 17.84 15.99 -12.18
C2 PLM H . 18.71 14.84 -10.23
C3 PLM H . 18.72 13.31 -10.09
C4 PLM H . 19.65 12.65 -11.12
C5 PLM H . 18.88 11.98 -12.25
C6 PLM H . 19.63 11.99 -13.58
C7 PLM H . 18.69 11.85 -14.78
C8 PLM H . 18.46 10.39 -15.19
C9 PLM H . 17.11 9.84 -14.71
CA PLM H . 17.08 8.32 -14.74
CB PLM H . 15.72 7.72 -14.33
CC PLM H . 15.84 6.23 -14.04
CD PLM H . 14.61 5.65 -13.37
CE PLM H . 14.84 4.21 -12.88
CF PLM H . 14.27 3.17 -13.84
CG PLM H . 14.73 1.74 -13.50
C1 PLM I . 21.42 1.71 -0.03
O1 PLM I . 20.96 1.33 1.08
O2 PLM I . 21.16 2.87 -0.45
C2 PLM I . 22.28 0.75 -0.88
C3 PLM I . 23.62 0.36 -0.26
C4 PLM I . 24.65 -0.11 -1.30
C5 PLM I . 24.11 -1.10 -2.33
C6 PLM I . 23.34 -2.26 -1.69
C7 PLM I . 22.87 -3.27 -2.73
C8 PLM I . 22.94 -4.69 -2.19
C9 PLM I . 21.56 -5.31 -2.03
CA PLM I . 21.26 -5.56 -0.56
CB PLM I . 20.65 -4.32 0.08
CC PLM I . 19.45 -4.68 0.93
CD PLM I . 19.79 -4.57 2.40
CE PLM I . 19.44 -3.19 2.94
CF PLM I . 20.26 -2.08 2.27
CG PLM I . 19.65 -0.71 2.55
C10 8ZR J . 29.95 5.13 17.66
C11 8ZR J . 29.39 4.46 16.62
C12 8ZR J . 28.27 4.95 16.04
C13 8ZR J . 27.70 6.13 16.50
C14 8ZR J . 26.43 6.68 15.83
C2 8ZR J . 30.76 11.31 22.14
C3 8ZR J . 28.29 11.54 22.66
C4 8ZR J . 29.07 9.96 20.81
C8 8ZR J . 30.03 6.92 19.19
C9 8ZR J . 29.39 6.31 18.12
N1 8ZR J . 29.38 10.94 21.86
N15 8ZR J . 28.27 6.82 17.54
N6 8ZR J . 29.73 8.92 20.54
N7 8ZR J . 29.38 8.05 19.52
S5 8ZR J . 27.81 10.00 19.72
CU1 8ZR J . 27.70 8.52 18.40
H10 8ZR J . 30.71 4.78 18.06
H11 8ZR J . 29.77 3.67 16.32
H12 8ZR J . 27.89 4.50 15.33
H13 8ZR J . 25.80 6.96 16.51
H14 8ZR J . 26.03 5.98 15.28
H15 8ZR J . 26.66 7.43 15.27
H22 8ZR J . 30.89 11.40 23.10
H23 8ZR J . 30.97 12.16 21.71
H21 8ZR J . 31.36 10.63 21.80
H32 8ZR J . 28.60 12.38 23.04
H31 8ZR J . 28.03 10.93 23.36
H30 8ZR J . 27.53 11.72 22.08
H3 8ZR J . 30.43 8.75 21.01
C1 PLM K . -31.67 -11.92 -22.11
O1 PLM K . -32.36 -11.47 -21.16
O2 PLM K . -31.68 -13.14 -22.38
C2 PLM K . -30.81 -10.97 -22.94
C3 PLM K . -31.05 -11.11 -24.44
C4 PLM K . -29.93 -11.89 -25.14
C5 PLM K . -28.75 -11.01 -25.55
C6 PLM K . -27.57 -11.14 -24.59
C7 PLM K . -26.32 -11.70 -25.27
C8 PLM K . -25.35 -10.61 -25.70
C9 PLM K . -24.51 -10.09 -24.54
CA PLM K . -23.52 -9.01 -24.95
CB PLM K . -22.61 -8.62 -23.79
C1 PLM L . -11.23 -2.28 -9.92
O1 PLM L . -12.01 -2.72 -9.03
O2 PLM L . -9.98 -2.38 -9.79
C2 PLM L . -11.79 -1.65 -11.19
C3 PLM L . -10.88 -1.97 -12.38
C4 PLM L . -10.31 -0.71 -13.05
C5 PLM L . -11.26 -0.15 -14.10
C6 PLM L . -10.86 1.24 -14.54
C7 PLM L . -11.51 1.60 -15.87
C8 PLM L . -11.39 3.07 -16.22
C9 PLM L . -11.57 3.30 -17.71
CA PLM L . -12.12 4.70 -18.02
CB PLM L . -12.70 4.81 -19.42
CC PLM L . -12.12 6.01 -20.17
CD PLM L . -13.17 7.06 -20.52
CE PLM L . -12.65 8.03 -21.59
CF PLM L . -11.25 8.53 -21.28
CG PLM L . -10.75 9.54 -22.31
C1 PLM M . -32.03 -14.45 8.16
O1 PLM M . -33.21 -14.02 8.28
O2 PLM M . -31.25 -14.44 9.15
C2 PLM M . -31.54 -15.00 6.83
C3 PLM M . -31.95 -16.48 6.70
C4 PLM M . -33.43 -16.62 6.39
C5 PLM M . -33.90 -18.07 6.45
C6 PLM M . -35.02 -18.38 5.48
C7 PLM M . -36.07 -19.32 6.07
C8 PLM M . -37.38 -19.32 5.28
C9 PLM M . -37.16 -19.44 3.77
CA PLM M . -38.46 -19.41 2.96
CB PLM M . -38.23 -19.59 1.45
CC PLM M . -37.82 -21.01 1.08
CD PLM M . -36.32 -21.12 0.78
CE PLM M . -35.67 -22.27 1.53
CF PLM M . -34.25 -21.95 2.02
C1 PLM N . -41.73 -17.50 5.89
O1 PLM N . -41.61 -17.43 7.15
O2 PLM N . -42.89 -17.51 5.37
C2 PLM N . -40.48 -17.58 5.01
C3 PLM N . -39.79 -16.23 4.87
C4 PLM N . -39.62 -15.81 3.40
C5 PLM N . -40.45 -14.57 3.09
C6 PLM N . -41.21 -14.68 1.78
C7 PLM N . -42.41 -13.74 1.79
C8 PLM N . -43.12 -13.65 0.44
C9 PLM N . -44.21 -12.59 0.47
CA PLM N . -45.51 -13.06 -0.18
CB PLM N . -46.44 -11.89 -0.50
CC PLM N . -45.87 -11.00 -1.61
CD PLM N . -46.06 -9.52 -1.32
CE PLM N . -45.77 -8.65 -2.55
CF PLM N . -46.48 -7.30 -2.47
CG PLM N . -46.26 -6.44 -3.72
C1 PLM O . -51.05 -29.60 -10.83
O1 PLM O . -51.72 -30.67 -10.81
O2 PLM O . -50.11 -29.48 -11.66
C2 PLM O . -51.40 -28.45 -9.88
C3 PLM O . -52.20 -27.33 -10.54
C4 PLM O . -53.56 -27.11 -9.90
C5 PLM O . -54.33 -25.90 -10.43
C6 PLM O . -55.71 -25.79 -9.78
C7 PLM O . -56.71 -24.91 -10.53
C8 PLM O . -58.14 -25.03 -10.00
C9 PLM O . -59.00 -25.91 -10.93
CA PLM O . -60.50 -26.05 -10.55
CB PLM O . -61.24 -24.72 -10.52
CC PLM O . -62.72 -24.82 -10.12
CD PLM O . -63.26 -23.52 -9.53
CE PLM O . -63.57 -23.66 -8.03
CF PLM O . -64.85 -22.95 -7.59
C1 PLM P . -30.00 -1.21 14.01
O1 PLM P . -30.84 -1.66 14.84
O2 PLM P . -29.33 -0.18 14.29
C2 PLM P . -29.82 -1.91 12.65
C3 PLM P . -28.43 -1.74 12.03
C4 PLM P . -27.39 -2.71 12.59
C5 PLM P . -26.92 -2.32 13.99
C6 PLM P . -26.11 -3.39 14.73
C7 PLM P . -25.81 -2.99 16.17
C8 PLM P . -24.33 -3.15 16.56
C9 PLM P . -23.49 -1.94 16.19
CA PLM P . -21.99 -2.25 16.11
CB PLM P . -21.14 -1.04 15.69
CC PLM P . -19.96 -1.46 14.84
CD PLM P . -19.14 -0.28 14.31
CE PLM P . -17.93 -0.73 13.48
CF PLM P . -16.61 -0.64 14.27
CG PLM P . -15.43 -1.35 13.60
C1 PLM Q . -19.14 -5.04 -0.25
O1 PLM Q . -20.12 -4.64 0.43
O2 PLM Q . -18.87 -4.46 -1.35
C2 PLM Q . -18.29 -6.23 0.23
C3 PLM Q . -18.40 -7.48 -0.64
C4 PLM Q . -18.05 -8.76 0.11
C5 PLM Q . -16.78 -8.63 0.95
C6 PLM Q . -15.62 -8.00 0.16
C7 PLM Q . -14.37 -7.91 1.02
C8 PLM Q . -13.12 -8.29 0.22
C9 PLM Q . -12.14 -7.14 0.14
CA PLM Q . -12.02 -6.65 -1.29
CB PLM Q . -13.16 -5.72 -1.65
CC PLM Q . -12.63 -4.48 -2.34
CD PLM Q . -13.19 -4.38 -3.75
CE PLM Q . -14.46 -3.53 -3.78
CF PLM Q . -15.62 -4.16 -3.04
CG PLM Q . -16.77 -3.16 -2.86
C10 8ZR R . -27.46 -8.63 -17.72
C11 8ZR R . -26.52 -8.40 -16.77
C12 8ZR R . -26.60 -7.29 -16.00
C13 8ZR R . -27.64 -6.38 -16.18
C14 8ZR R . -27.71 -5.13 -15.29
C2 8ZR R . -34.06 -7.14 -21.31
C3 8ZR R . -34.05 -4.62 -20.92
C4 8ZR R . -32.28 -6.10 -19.83
C8 8ZR R . -29.42 -8.04 -18.91
C9 8ZR R . -28.50 -7.72 -17.91
N1 8ZR R . -33.46 -5.95 -20.69
N15 8ZR R . -28.59 -6.61 -17.15
N6 8ZR R . -31.45 -7.05 -19.84
N7 8ZR R . -30.36 -7.08 -18.97
S5 8ZR R . -31.81 -5.04 -18.65
CU1 8ZR R . -30.16 -5.52 -17.63
H10 8ZR R . -27.41 -9.39 -18.25
H11 8ZR R . -25.83 -9.00 -16.65
H12 8ZR R . -25.96 -7.14 -15.35
H13 8ZR R . -27.91 -4.35 -15.84
H14 8ZR R . -26.87 -5.00 -14.84
H15 8ZR R . -28.41 -5.24 -14.63
H22 8ZR R . -34.34 -6.92 -22.21
H23 8ZR R . -34.84 -7.41 -20.80
H21 8ZR R . -33.42 -7.86 -21.33
H32 8ZR R . -34.97 -4.72 -21.21
H31 8ZR R . -33.54 -4.16 -21.59
H30 8ZR R . -34.02 -4.12 -20.09
H3 8ZR R . -31.55 -7.68 -20.41
#